data_2EFG
#
_entry.id   2EFG
#
_cell.length_a   77.269
_cell.length_b   106.224
_cell.length_c   115.447
_cell.angle_alpha   90.00
_cell.angle_beta   90.00
_cell.angle_gamma   90.00
#
_symmetry.space_group_name_H-M   'P 21 21 21'
#
loop_
_entity.id
_entity.type
_entity.pdbx_description
1 polymer 'PROTEIN (ELONGATION FACTOR G)'
2 polymer 'PROTEIN (ELONGATION FACTOR G DOMAIN 3)'
3 non-polymer "GUANOSINE-5'-DIPHOSPHATE"
4 water water
#
loop_
_entity_poly.entity_id
_entity_poly.type
_entity_poly.pdbx_seq_one_letter_code
_entity_poly.pdbx_strand_id
1 'polypeptide(L)'
;MAVKVEYDLKRLRNIGIAAHIDAGKTTTTERILYYTGRIHKIGEVHEGAATMDFMEQERERGITITAAVTTCFWKDHRIN
IIDTPGHVDFTIEVERSMRVLDGAIVVFDSSQGVEPQSETVWRQAEKYKVPRIAFANKMDKTGADLWLVIRTMQERLGAR
PVVMQLPIGREDTFSGIIDVLRMKAYTYGNDLGTDIREIPIPEEYLDNAREYHEKLVEVAADFDENIMLKYLEGEEPTEE
ELVAAIRKGTIDLKITPVFLGSALKNKGVQLLLDAVVDYLPSPLDIPPIKGTTPEGEVVEIHPDPNGPLAALAFKIMADP
YVGRLTFIRVYSGTLTSGSYVYNTTKGRKERVARLLRMHANHREEVEELKAGDLGAVVGLKETITGDTLVGEDAPRVILE
SIEVPEPVIDVAIEPKTKADQEKLSQALARLAEEDPTFRVSTHPETGQTIISGMGELHLEIIVDRLKREFKVDANVGKPQ
VAYRETITKPVDVEGKFIRQTGGRGQYGHVKIKVEPLPRGSGFEFVNAIVGGVIPKEYIPAVQKGIEEAMQSGPLIGFPV
VDIKVTLYDGSYHEVDSSEMAFKIAGSMAIKEAVQKGDPVILEPIMRVEVTTPEEYMGDVIGDLNARRGQILGMEPRGNA
QVIRAFVPLAEMFGYATDLRSKTQGRGSFVMFFDHYQEVPKQVQEKLIKGQ
;
A
2 'polypeptide(L)'
;(UNK)(UNK)(UNK)(UNK)(UNK)(UNK)(UNK)(UNK)(UNK)(UNK)(UNK)(UNK)(UNK)(UNK)(UNK)(UNK)
(UNK)(UNK)(UNK)(UNK)(UNK)(UNK)(UNK)(UNK)(UNK)(UNK)(UNK)(UNK)(UNK)(UNK)(UNK)(UNK)
(UNK)(UNK)(UNK)(UNK)(UNK)(UNK)(UNK)(UNK)(UNK)(UNK)(UNK)(UNK)(UNK)(UNK)(UNK)(UNK)
(UNK)(UNK)(UNK)(UNK)(UNK)(UNK)(UNK)(UNK)(UNK)(UNK)(UNK)(UNK)(UNK)(UNK)(UNK)(UNK)
(UNK)(UNK)(UNK)(UNK)(UNK)(UNK)(UNK)(UNK)(UNK)(UNK)(UNK)(UNK)(UNK)(UNK)(UNK)(UNK)
(UNK)(UNK)(UNK)(UNK)(UNK)(UNK)(UNK)(UNK)
;
B
#
loop_
_chem_comp.id
_chem_comp.type
_chem_comp.name
_chem_comp.formula
GDP RNA linking GUANOSINE-5'-DIPHOSPHATE 'C10 H15 N5 O11 P2'
#
# COMPACT_ATOMS: atom_id res chain seq x y z
N TYR A 7 -10.45 -2.12 30.73
CA TYR A 7 -10.91 -2.17 29.29
C TYR A 7 -12.36 -1.77 29.08
N ASP A 8 -12.55 -0.66 28.37
CA ASP A 8 -13.87 -0.16 28.01
C ASP A 8 -13.72 0.00 26.50
N LEU A 9 -14.74 -0.37 25.74
CA LEU A 9 -14.64 -0.26 24.29
C LEU A 9 -14.76 1.20 23.87
N LYS A 10 -15.63 1.94 24.54
CA LYS A 10 -15.84 3.34 24.23
C LYS A 10 -14.63 4.22 24.52
N ARG A 11 -13.76 3.78 25.42
CA ARG A 11 -12.60 4.56 25.77
C ARG A 11 -11.36 4.31 24.94
N LEU A 12 -11.52 3.56 23.86
CA LEU A 12 -10.39 3.29 22.98
C LEU A 12 -10.33 4.30 21.83
N ARG A 13 -9.13 4.67 21.43
CA ARG A 13 -8.95 5.61 20.31
C ARG A 13 -7.83 5.11 19.43
N ASN A 14 -8.19 4.46 18.34
CA ASN A 14 -7.17 3.95 17.44
C ASN A 14 -6.99 4.99 16.36
N ILE A 15 -5.85 5.66 16.38
CA ILE A 15 -5.60 6.74 15.43
C ILE A 15 -4.35 6.59 14.60
N GLY A 16 -4.34 7.30 13.47
CA GLY A 16 -3.18 7.31 12.61
C GLY A 16 -2.82 8.76 12.41
N ILE A 17 -1.59 9.06 12.01
CA ILE A 17 -1.17 10.43 11.78
C ILE A 17 -0.64 10.56 10.37
N ALA A 18 -1.48 11.06 9.47
CA ALA A 18 -1.12 11.22 8.07
C ALA A 18 -0.71 12.66 7.76
N ALA A 19 0.31 12.82 6.92
CA ALA A 19 0.79 14.14 6.58
C ALA A 19 1.85 14.14 5.48
N HIS A 20 1.86 15.20 4.67
CA HIS A 20 2.85 15.34 3.59
C HIS A 20 4.22 15.35 4.27
N ILE A 21 5.24 14.85 3.56
CA ILE A 21 6.58 14.82 4.12
C ILE A 21 7.03 16.16 4.67
N ASP A 22 7.42 16.19 5.93
CA ASP A 22 7.89 17.38 6.62
C ASP A 22 6.81 18.22 7.30
N ALA A 23 5.55 17.83 7.13
CA ALA A 23 4.47 18.58 7.77
C ALA A 23 4.63 18.47 9.29
N GLY A 24 5.40 17.47 9.72
CA GLY A 24 5.62 17.28 11.14
C GLY A 24 5.00 16.07 11.80
N LYS A 25 4.89 14.97 11.06
CA LYS A 25 4.32 13.74 11.61
C LYS A 25 5.16 13.20 12.76
N THR A 26 6.46 13.15 12.56
CA THR A 26 7.36 12.66 13.60
C THR A 26 7.28 13.52 14.86
N THR A 27 7.61 14.80 14.72
CA THR A 27 7.58 15.73 15.86
C THR A 27 6.22 15.73 16.56
N THR A 28 5.13 15.63 15.80
CA THR A 28 3.82 15.62 16.44
C THR A 28 3.68 14.33 17.23
N THR A 29 3.96 13.20 16.58
CA THR A 29 3.86 11.89 17.23
C THR A 29 4.73 11.80 18.49
N GLU A 30 5.99 12.20 18.37
CA GLU A 30 6.90 12.18 19.48
C GLU A 30 6.33 13.02 20.61
N ARG A 31 5.96 14.26 20.29
CA ARG A 31 5.41 15.18 21.28
C ARG A 31 4.19 14.62 22.01
N ILE A 32 3.37 13.86 21.29
CA ILE A 32 2.20 13.25 21.90
C ILE A 32 2.64 12.22 22.92
N LEU A 33 3.63 11.40 22.56
CA LEU A 33 4.14 10.37 23.47
C LEU A 33 4.75 10.99 24.74
N TYR A 34 5.29 12.19 24.61
CA TYR A 34 5.89 12.89 25.74
C TYR A 34 4.87 13.37 26.77
N TYR A 35 3.82 14.06 26.31
CA TYR A 35 2.81 14.56 27.24
C TYR A 35 1.96 13.43 27.76
N THR A 36 1.78 12.43 26.93
CA THR A 36 0.96 11.28 27.27
C THR A 36 1.75 10.41 28.26
N GLY A 37 3.08 10.48 28.16
CA GLY A 37 3.95 9.71 29.01
C GLY A 37 4.30 10.24 30.39
N ARG A 38 4.51 11.54 30.54
CA ARG A 38 4.85 12.07 31.86
C ARG A 38 3.68 12.01 32.83
N ILE A 39 3.30 10.79 33.20
CA ILE A 39 2.20 10.57 34.13
C ILE A 39 2.47 11.30 35.45
N ALA A 67 7.67 1.41 15.94
CA ALA A 67 6.71 0.45 16.55
C ALA A 67 5.35 0.50 15.84
N ALA A 68 5.08 -0.51 15.03
CA ALA A 68 3.83 -0.60 14.29
C ALA A 68 2.62 -0.04 15.05
N VAL A 69 2.54 -0.31 16.35
CA VAL A 69 1.42 0.19 17.13
C VAL A 69 1.83 0.57 18.54
N THR A 70 2.14 1.84 18.75
CA THR A 70 2.51 2.28 20.09
C THR A 70 1.24 2.63 20.84
N THR A 71 1.25 2.47 22.16
CA THR A 71 0.07 2.74 22.94
C THR A 71 0.38 3.84 23.96
N CYS A 72 -0.66 4.45 24.52
CA CYS A 72 -0.50 5.50 25.50
C CYS A 72 -1.84 5.89 26.11
N PHE A 73 -1.83 6.78 27.08
CA PHE A 73 -3.08 7.18 27.73
C PHE A 73 -3.31 8.68 27.81
N TRP A 74 -4.58 9.04 27.75
CA TRP A 74 -5.00 10.42 27.87
C TRP A 74 -6.40 10.44 28.45
N LYS A 75 -6.56 11.14 29.57
CA LYS A 75 -7.85 11.24 30.23
C LYS A 75 -8.62 9.92 30.20
N ASP A 76 -8.08 8.92 30.89
CA ASP A 76 -8.70 7.59 30.98
C ASP A 76 -9.05 6.94 29.65
N HIS A 77 -8.41 7.38 28.58
CA HIS A 77 -8.68 6.78 27.28
C HIS A 77 -7.38 6.16 26.80
N ARG A 78 -7.48 5.05 26.09
CA ARG A 78 -6.27 4.42 25.59
C ARG A 78 -6.18 4.82 24.13
N ILE A 79 -5.05 5.39 23.75
CA ILE A 79 -4.86 5.79 22.38
C ILE A 79 -3.81 4.90 21.75
N ASN A 80 -4.18 4.21 20.69
CA ASN A 80 -3.23 3.36 19.99
C ASN A 80 -2.84 4.08 18.70
N ILE A 81 -1.57 4.44 18.60
CA ILE A 81 -1.06 5.14 17.45
C ILE A 81 -0.51 4.18 16.40
N ILE A 82 -1.34 3.81 15.44
CA ILE A 82 -0.93 2.93 14.34
C ILE A 82 0.01 3.72 13.44
N ASP A 83 1.20 3.20 13.18
CA ASP A 83 2.14 3.90 12.31
C ASP A 83 1.67 3.82 10.86
N THR A 84 1.75 4.92 10.12
CA THR A 84 1.31 4.91 8.72
C THR A 84 2.50 4.94 7.79
N PRO A 85 2.33 4.44 6.56
CA PRO A 85 3.35 4.36 5.51
C PRO A 85 4.09 5.68 5.25
N GLY A 86 5.40 5.56 5.04
CA GLY A 86 6.22 6.73 4.78
C GLY A 86 5.79 7.47 3.53
N HIS A 87 5.73 6.76 2.41
CA HIS A 87 5.30 7.37 1.17
C HIS A 87 3.92 6.86 0.83
N VAL A 88 2.94 7.78 0.88
CA VAL A 88 1.54 7.47 0.59
C VAL A 88 1.31 6.82 -0.76
N ASP A 89 2.35 6.82 -1.59
CA ASP A 89 2.24 6.25 -2.91
C ASP A 89 2.16 4.73 -2.91
N PHE A 90 2.78 4.09 -1.92
CA PHE A 90 2.79 2.64 -1.83
C PHE A 90 1.41 2.06 -1.47
N THR A 91 0.41 2.43 -2.26
CA THR A 91 -0.97 1.99 -2.10
C THR A 91 -1.21 0.83 -1.14
N ILE A 92 -0.84 -0.37 -1.59
CA ILE A 92 -1.02 -1.59 -0.80
C ILE A 92 -0.96 -1.38 0.71
N GLU A 93 0.16 -0.86 1.23
CA GLU A 93 0.31 -0.63 2.65
C GLU A 93 -0.68 0.39 3.19
N VAL A 94 -0.82 1.51 2.49
CA VAL A 94 -1.70 2.60 2.89
C VAL A 94 -3.12 2.15 3.18
N GLU A 95 -3.72 1.41 2.25
CA GLU A 95 -5.09 0.95 2.41
C GLU A 95 -5.22 -0.06 3.55
N ARG A 96 -4.12 -0.73 3.85
CA ARG A 96 -4.08 -1.69 4.94
C ARG A 96 -4.10 -0.87 6.23
N SER A 97 -3.25 0.14 6.27
CA SER A 97 -3.15 1.04 7.43
C SER A 97 -4.49 1.68 7.70
N MET A 98 -5.08 2.29 6.69
CA MET A 98 -6.37 2.92 6.84
C MET A 98 -7.37 1.92 7.42
N ARG A 99 -7.28 0.70 6.93
CA ARG A 99 -8.19 -0.35 7.35
C ARG A 99 -8.06 -0.75 8.82
N VAL A 100 -6.84 -0.71 9.35
CA VAL A 100 -6.62 -1.08 10.74
C VAL A 100 -6.89 0.06 11.74
N LEU A 101 -6.75 1.32 11.30
CA LEU A 101 -6.99 2.47 12.17
C LEU A 101 -8.45 2.92 12.10
N ASP A 102 -8.90 3.68 13.10
CA ASP A 102 -10.29 4.14 13.14
C ASP A 102 -10.44 5.62 12.79
N GLY A 103 -9.70 6.46 13.50
CA GLY A 103 -9.75 7.87 13.24
C GLY A 103 -8.40 8.25 12.69
N ALA A 104 -8.23 9.51 12.32
CA ALA A 104 -6.94 9.96 11.79
C ALA A 104 -6.74 11.44 12.01
N ILE A 105 -5.48 11.83 12.13
CA ILE A 105 -5.11 13.21 12.31
C ILE A 105 -4.29 13.59 11.09
N VAL A 106 -4.79 14.52 10.29
CA VAL A 106 -4.05 14.96 9.13
C VAL A 106 -3.27 16.22 9.53
N VAL A 107 -1.94 16.13 9.45
CA VAL A 107 -1.08 17.25 9.83
C VAL A 107 -0.68 18.12 8.65
N PHE A 108 -0.81 19.43 8.83
CA PHE A 108 -0.48 20.38 7.76
C PHE A 108 0.62 21.32 8.20
N ASP A 109 1.36 21.85 7.23
CA ASP A 109 2.39 22.85 7.50
C ASP A 109 1.61 24.15 7.20
N SER A 110 1.19 24.87 8.23
CA SER A 110 0.39 26.08 8.04
C SER A 110 1.01 27.24 7.24
N SER A 111 2.19 27.03 6.68
CA SER A 111 2.80 28.08 5.87
C SER A 111 2.63 27.65 4.42
N GLN A 112 2.21 26.40 4.23
CA GLN A 112 2.02 25.82 2.90
C GLN A 112 0.57 25.46 2.59
N GLY A 113 -0.21 25.16 3.62
CA GLY A 113 -1.59 24.78 3.40
C GLY A 113 -1.69 23.34 2.91
N VAL A 114 -2.78 22.99 2.23
CA VAL A 114 -2.95 21.63 1.73
C VAL A 114 -1.91 21.30 0.66
N GLU A 115 -1.10 20.27 0.93
CA GLU A 115 -0.08 19.84 -0.02
C GLU A 115 -0.52 18.57 -0.75
N PRO A 116 0.21 18.21 -1.82
CA PRO A 116 -0.07 17.02 -2.64
C PRO A 116 -0.29 15.71 -1.89
N GLN A 117 0.69 15.26 -1.11
CA GLN A 117 0.54 14.02 -0.36
C GLN A 117 -0.68 14.08 0.54
N SER A 118 -0.99 15.29 1.00
CA SER A 118 -2.15 15.55 1.85
C SER A 118 -3.41 15.18 1.09
N GLU A 119 -3.44 15.52 -0.20
CA GLU A 119 -4.59 15.21 -1.03
C GLU A 119 -4.68 13.70 -1.24
N THR A 120 -3.55 13.11 -1.61
CA THR A 120 -3.48 11.68 -1.84
C THR A 120 -4.07 10.97 -0.62
N VAL A 121 -3.42 11.15 0.53
CA VAL A 121 -3.87 10.51 1.75
C VAL A 121 -5.29 10.94 2.14
N TRP A 122 -5.72 12.11 1.67
CA TRP A 122 -7.06 12.61 1.99
C TRP A 122 -8.14 11.85 1.19
N ARG A 123 -7.85 11.50 -0.05
CA ARG A 123 -8.81 10.77 -0.87
C ARG A 123 -8.92 9.37 -0.29
N GLN A 124 -7.77 8.85 0.14
CA GLN A 124 -7.66 7.52 0.73
C GLN A 124 -8.58 7.41 1.95
N ALA A 125 -8.51 8.38 2.86
CA ALA A 125 -9.33 8.37 4.06
C ALA A 125 -10.82 8.31 3.71
N GLU A 126 -11.22 9.11 2.73
CA GLU A 126 -12.61 9.14 2.28
C GLU A 126 -12.97 7.77 1.77
N LYS A 127 -12.07 7.23 0.95
CA LYS A 127 -12.24 5.92 0.35
C LYS A 127 -12.59 4.86 1.38
N TYR A 128 -12.17 5.08 2.62
CA TYR A 128 -12.43 4.13 3.69
C TYR A 128 -13.28 4.69 4.82
N LYS A 129 -13.97 5.78 4.54
CA LYS A 129 -14.86 6.42 5.51
C LYS A 129 -14.23 6.58 6.89
N VAL A 130 -12.99 7.03 6.98
CA VAL A 130 -12.34 7.18 8.28
C VAL A 130 -12.31 8.62 8.81
N PRO A 131 -13.07 8.89 9.87
CA PRO A 131 -13.14 10.23 10.46
C PRO A 131 -11.79 10.89 10.60
N ARG A 132 -11.79 12.22 10.46
CA ARG A 132 -10.56 13.02 10.55
C ARG A 132 -10.74 14.30 11.37
N ILE A 133 -9.60 14.89 11.69
CA ILE A 133 -9.55 16.18 12.37
C ILE A 133 -8.23 16.68 11.81
N ALA A 134 -8.01 17.99 11.80
CA ALA A 134 -6.78 18.48 11.22
C ALA A 134 -5.97 19.25 12.21
N PHE A 135 -4.66 19.26 11.99
CA PHE A 135 -3.78 19.97 12.88
C PHE A 135 -2.92 20.90 12.04
N ALA A 136 -3.06 22.19 12.27
CA ALA A 136 -2.28 23.16 11.52
C ALA A 136 -1.00 23.35 12.28
N ASN A 137 0.01 22.58 11.90
CA ASN A 137 1.31 22.62 12.56
C ASN A 137 2.20 23.74 12.06
N LYS A 138 3.23 24.08 12.85
CA LYS A 138 4.20 25.10 12.52
C LYS A 138 3.70 26.55 12.58
N MET A 139 2.70 26.79 13.41
CA MET A 139 2.15 28.13 13.54
C MET A 139 3.16 29.13 14.05
N ASP A 140 4.41 28.70 14.18
CA ASP A 140 5.48 29.57 14.68
C ASP A 140 6.43 29.91 13.53
N LYS A 141 6.32 29.15 12.45
CA LYS A 141 7.15 29.31 11.28
C LYS A 141 6.77 30.54 10.48
N THR A 142 7.73 31.09 9.74
CA THR A 142 7.48 32.27 8.92
C THR A 142 6.49 31.91 7.81
N GLY A 143 5.47 32.74 7.64
CA GLY A 143 4.48 32.49 6.60
C GLY A 143 3.34 31.63 7.08
N ALA A 144 3.43 31.19 8.33
CA ALA A 144 2.39 30.35 8.90
C ALA A 144 1.09 31.12 9.01
N ASP A 145 0.03 30.57 8.44
CA ASP A 145 -1.27 31.23 8.48
C ASP A 145 -2.44 30.27 8.51
N LEU A 146 -3.17 30.25 9.62
CA LEU A 146 -4.32 29.39 9.78
C LEU A 146 -5.27 29.41 8.57
N TRP A 147 -5.59 30.61 8.10
CA TRP A 147 -6.53 30.79 7.00
C TRP A 147 -6.08 30.24 5.66
N LEU A 148 -4.77 30.14 5.47
CA LEU A 148 -4.26 29.57 4.24
C LEU A 148 -4.70 28.10 4.23
N VAL A 149 -4.62 27.47 5.42
CA VAL A 149 -4.97 26.07 5.58
C VAL A 149 -6.46 25.86 5.44
N ILE A 150 -7.27 26.68 6.11
CA ILE A 150 -8.72 26.55 6.03
C ILE A 150 -9.19 26.73 4.59
N ARG A 151 -8.63 27.73 3.92
CA ARG A 151 -9.02 28.01 2.54
C ARG A 151 -8.60 26.91 1.58
N THR A 152 -7.31 26.58 1.57
CA THR A 152 -6.80 25.52 0.70
C THR A 152 -7.54 24.19 0.91
N MET A 153 -7.96 23.95 2.15
CA MET A 153 -8.67 22.74 2.52
C MET A 153 -9.99 22.65 1.76
N GLN A 154 -10.81 23.71 1.78
CA GLN A 154 -12.08 23.67 1.05
C GLN A 154 -11.85 23.80 -0.45
N GLU A 155 -10.85 24.60 -0.82
CA GLU A 155 -10.51 24.80 -2.21
C GLU A 155 -10.16 23.45 -2.83
N ARG A 156 -8.96 22.97 -2.52
CA ARG A 156 -8.45 21.71 -3.06
C ARG A 156 -9.09 20.40 -2.64
N LEU A 157 -9.32 20.19 -1.34
CA LEU A 157 -9.88 18.91 -0.88
C LEU A 157 -11.39 18.77 -0.87
N GLY A 158 -12.12 19.88 -0.97
CA GLY A 158 -13.56 19.78 -0.94
C GLY A 158 -14.09 19.59 0.47
N ALA A 159 -13.25 19.86 1.46
CA ALA A 159 -13.66 19.71 2.84
C ALA A 159 -14.46 20.89 3.37
N ARG A 160 -15.18 20.64 4.46
CA ARG A 160 -15.97 21.66 5.12
C ARG A 160 -15.32 21.82 6.50
N PRO A 161 -14.22 22.58 6.57
CA PRO A 161 -13.50 22.82 7.82
C PRO A 161 -14.23 23.68 8.85
N VAL A 162 -14.12 23.31 10.12
CA VAL A 162 -14.74 24.07 11.19
C VAL A 162 -13.61 24.62 12.02
N VAL A 163 -13.52 25.93 12.14
CA VAL A 163 -12.46 26.51 12.94
C VAL A 163 -12.80 26.23 14.41
N MET A 164 -11.87 25.58 15.12
CA MET A 164 -12.11 25.23 16.53
C MET A 164 -11.25 26.06 17.45
N GLN A 165 -10.17 26.61 16.91
CA GLN A 165 -9.27 27.44 17.70
C GLN A 165 -8.77 28.62 16.90
N LEU A 166 -8.35 29.67 17.60
CA LEU A 166 -7.79 30.87 16.99
C LEU A 166 -6.44 31.11 17.62
N PRO A 167 -5.41 31.43 16.81
CA PRO A 167 -4.09 31.67 17.38
C PRO A 167 -4.01 33.02 18.07
N ILE A 168 -2.89 33.27 18.74
CA ILE A 168 -2.66 34.53 19.42
C ILE A 168 -1.23 34.90 19.07
N GLY A 169 -1.06 35.63 17.98
CA GLY A 169 0.27 36.01 17.56
C GLY A 169 0.55 35.36 16.23
N ARG A 170 1.64 35.77 15.58
CA ARG A 170 1.97 35.20 14.29
C ARG A 170 3.41 34.74 14.32
N GLU A 171 3.70 33.73 13.53
CA GLU A 171 5.05 33.23 13.41
C GLU A 171 5.85 33.37 14.71
N ASP A 172 6.92 34.16 14.67
CA ASP A 172 7.75 34.32 15.86
C ASP A 172 7.05 34.87 17.10
N THR A 173 5.79 35.29 16.98
CA THR A 173 5.08 35.79 18.15
C THR A 173 3.94 34.88 18.59
N PHE A 174 3.72 33.78 17.86
CA PHE A 174 2.65 32.85 18.22
C PHE A 174 2.94 32.38 19.64
N SER A 175 1.97 32.48 20.52
CA SER A 175 2.20 32.10 21.91
C SER A 175 1.00 31.63 22.69
N GLY A 176 -0.17 31.63 22.07
CA GLY A 176 -1.35 31.19 22.80
C GLY A 176 -2.36 30.58 21.86
N ILE A 177 -3.44 30.06 22.42
CA ILE A 177 -4.47 29.44 21.62
C ILE A 177 -5.81 29.77 22.25
N ILE A 178 -6.78 30.07 21.41
CA ILE A 178 -8.14 30.41 21.85
C ILE A 178 -9.02 29.21 21.50
N ASP A 179 -9.72 28.68 22.50
CA ASP A 179 -10.62 27.58 22.24
C ASP A 179 -11.98 28.21 21.90
N VAL A 180 -12.29 28.24 20.62
CA VAL A 180 -13.53 28.84 20.15
C VAL A 180 -14.83 28.20 20.63
N LEU A 181 -14.81 26.90 20.91
CA LEU A 181 -16.02 26.23 21.38
C LEU A 181 -16.28 26.51 22.86
N ARG A 182 -15.24 26.60 23.67
CA ARG A 182 -15.45 26.84 25.11
C ARG A 182 -15.12 28.27 25.51
N MET A 183 -14.61 29.02 24.56
CA MET A 183 -14.27 30.41 24.82
C MET A 183 -13.24 30.48 25.93
N LYS A 184 -12.13 29.81 25.71
CA LYS A 184 -11.03 29.79 26.68
C LYS A 184 -9.74 30.12 25.94
N ALA A 185 -8.78 30.72 26.64
CA ALA A 185 -7.51 31.04 26.01
C ALA A 185 -6.34 30.39 26.79
N TYR A 186 -5.30 30.02 26.07
CA TYR A 186 -4.14 29.38 26.70
C TYR A 186 -2.86 30.05 26.25
N THR A 187 -2.01 30.38 27.21
CA THR A 187 -0.72 31.00 26.89
C THR A 187 0.42 30.06 27.33
N TYR A 188 1.45 29.98 26.51
CA TYR A 188 2.60 29.13 26.80
C TYR A 188 3.82 30.00 27.08
N GLY A 189 4.29 29.95 28.33
CA GLY A 189 5.43 30.75 28.73
C GLY A 189 6.78 30.38 28.14
N ASN A 190 6.84 29.32 27.34
CA ASN A 190 8.13 28.94 26.75
C ASN A 190 7.96 27.87 25.68
N ASP A 191 9.03 27.56 24.97
CA ASP A 191 8.96 26.56 23.91
C ASP A 191 9.29 25.16 24.42
N LEU A 192 9.45 25.03 25.74
CA LEU A 192 9.81 23.75 26.34
C LEU A 192 8.64 22.90 26.81
N GLY A 193 7.45 23.49 26.87
CA GLY A 193 6.29 22.72 27.29
C GLY A 193 6.16 22.57 28.79
N THR A 194 6.79 23.48 29.53
CA THR A 194 6.76 23.42 30.98
C THR A 194 6.03 24.59 31.64
N ASP A 195 5.26 25.32 30.84
CA ASP A 195 4.48 26.43 31.36
C ASP A 195 3.20 26.64 30.53
N ILE A 196 2.05 26.47 31.16
CA ILE A 196 0.80 26.68 30.47
C ILE A 196 -0.22 27.22 31.45
N ARG A 197 -0.90 28.29 31.04
CA ARG A 197 -1.89 28.91 31.91
C ARG A 197 -3.14 29.29 31.15
N GLU A 198 -4.30 29.03 31.75
CA GLU A 198 -5.54 29.41 31.11
C GLU A 198 -5.58 30.91 31.35
N ILE A 199 -5.93 31.67 30.33
CA ILE A 199 -6.03 33.10 30.51
C ILE A 199 -7.33 33.57 29.91
N PRO A 200 -7.71 34.82 30.19
CA PRO A 200 -8.98 35.31 29.62
C PRO A 200 -8.68 35.59 28.15
N ILE A 201 -9.68 35.42 27.30
CA ILE A 201 -9.46 35.73 25.89
C ILE A 201 -9.03 37.19 25.86
N PRO A 202 -7.79 37.48 25.43
CA PRO A 202 -7.36 38.87 25.38
C PRO A 202 -8.33 39.75 24.57
N GLU A 203 -8.44 41.03 24.93
CA GLU A 203 -9.37 41.95 24.27
C GLU A 203 -9.27 42.08 22.75
N GLU A 204 -8.06 42.09 22.21
CA GLU A 204 -7.87 42.21 20.77
C GLU A 204 -8.47 41.07 19.96
N TYR A 205 -8.79 39.95 20.61
CA TYR A 205 -9.35 38.81 19.89
C TYR A 205 -10.75 38.46 20.36
N LEU A 206 -11.24 39.23 21.32
CA LEU A 206 -12.55 38.98 21.87
C LEU A 206 -13.69 39.01 20.85
N ASP A 207 -13.55 39.81 19.80
CA ASP A 207 -14.61 39.88 18.78
C ASP A 207 -14.42 38.79 17.76
N ASN A 208 -13.16 38.61 17.36
CA ASN A 208 -12.83 37.59 16.38
C ASN A 208 -13.28 36.24 16.92
N ALA A 209 -12.95 35.96 18.19
CA ALA A 209 -13.33 34.70 18.82
C ALA A 209 -14.84 34.60 18.91
N ARG A 210 -15.46 35.72 19.29
CA ARG A 210 -16.90 35.81 19.44
C ARG A 210 -17.69 35.40 18.18
N GLU A 211 -17.23 35.78 16.99
CA GLU A 211 -17.98 35.41 15.80
C GLU A 211 -17.71 33.97 15.39
N TYR A 212 -16.49 33.48 15.60
CA TYR A 212 -16.20 32.09 15.25
C TYR A 212 -16.90 31.12 16.18
N HIS A 213 -17.27 31.59 17.37
CA HIS A 213 -17.99 30.76 18.29
C HIS A 213 -19.39 30.60 17.69
N GLU A 214 -19.93 31.73 17.24
CA GLU A 214 -21.26 31.76 16.64
C GLU A 214 -21.28 30.92 15.36
N LYS A 215 -20.19 30.96 14.60
CA LYS A 215 -20.13 30.14 13.38
C LYS A 215 -20.07 28.66 13.79
N LEU A 216 -19.36 28.38 14.89
CA LEU A 216 -19.21 27.04 15.42
C LEU A 216 -20.61 26.56 15.79
N VAL A 217 -21.35 27.37 16.55
CA VAL A 217 -22.71 27.00 16.93
C VAL A 217 -23.60 26.69 15.72
N GLU A 218 -23.40 27.40 14.61
CA GLU A 218 -24.20 27.14 13.42
C GLU A 218 -23.94 25.74 12.89
N VAL A 219 -22.67 25.40 12.66
CA VAL A 219 -22.30 24.07 12.19
C VAL A 219 -22.95 22.99 13.06
N ALA A 220 -22.79 23.14 14.38
CA ALA A 220 -23.36 22.18 15.31
C ALA A 220 -24.86 22.05 15.10
N ALA A 221 -25.54 23.19 14.94
CA ALA A 221 -26.99 23.19 14.74
C ALA A 221 -27.41 22.29 13.57
N ASP A 222 -26.50 22.03 12.65
CA ASP A 222 -26.80 21.18 11.50
C ASP A 222 -26.82 19.71 11.85
N PHE A 223 -26.48 19.38 13.09
CA PHE A 223 -26.41 17.98 13.49
C PHE A 223 -27.21 17.74 14.75
N ASP A 224 -27.73 18.81 15.32
CA ASP A 224 -28.50 18.70 16.53
C ASP A 224 -29.63 19.70 16.41
N GLU A 225 -30.85 19.20 16.23
CA GLU A 225 -32.03 20.02 16.11
C GLU A 225 -32.22 20.99 17.28
N ASN A 226 -32.04 20.50 18.50
CA ASN A 226 -32.23 21.34 19.68
C ASN A 226 -31.25 22.50 19.80
N ILE A 227 -30.12 22.40 19.12
CA ILE A 227 -29.11 23.45 19.17
C ILE A 227 -29.58 24.60 18.29
N MET A 228 -30.21 24.25 17.17
CA MET A 228 -30.72 25.25 16.23
C MET A 228 -31.77 26.09 16.95
N LEU A 229 -32.76 25.43 17.56
CA LEU A 229 -33.80 26.15 18.28
C LEU A 229 -33.18 27.15 19.23
N LYS A 230 -32.14 26.73 19.94
CA LYS A 230 -31.50 27.63 20.88
C LYS A 230 -30.79 28.74 20.12
N TYR A 231 -30.18 28.38 18.99
CA TYR A 231 -29.46 29.35 18.18
C TYR A 231 -30.39 30.44 17.65
N LEU A 232 -31.55 30.02 17.15
CA LEU A 232 -32.52 30.95 16.61
C LEU A 232 -32.97 31.96 17.67
N GLU A 233 -33.18 31.50 18.90
CA GLU A 233 -33.62 32.41 19.96
C GLU A 233 -32.50 32.95 20.83
N GLY A 234 -31.30 33.05 20.24
CA GLY A 234 -30.15 33.58 20.96
C GLY A 234 -29.81 32.96 22.29
N GLU A 235 -29.91 31.64 22.39
CA GLU A 235 -29.57 30.95 23.64
C GLU A 235 -28.29 30.14 23.42
N GLU A 236 -27.36 30.27 24.36
CA GLU A 236 -26.09 29.56 24.29
C GLU A 236 -26.26 28.10 24.67
N PRO A 237 -25.88 27.18 23.77
CA PRO A 237 -26.02 25.76 24.07
C PRO A 237 -24.90 25.33 25.04
N THR A 238 -24.99 24.11 25.59
CA THR A 238 -23.97 23.62 26.52
C THR A 238 -22.80 22.98 25.78
N GLU A 239 -21.62 22.97 26.39
CA GLU A 239 -20.44 22.36 25.76
C GLU A 239 -20.71 20.93 25.32
N GLU A 240 -21.46 20.21 26.14
CA GLU A 240 -21.77 18.83 25.83
C GLU A 240 -22.49 18.76 24.51
N GLU A 241 -23.55 19.57 24.39
CA GLU A 241 -24.33 19.61 23.16
C GLU A 241 -23.40 19.87 21.99
N LEU A 242 -22.62 20.95 22.11
CA LEU A 242 -21.73 21.32 21.03
C LEU A 242 -20.82 20.18 20.68
N VAL A 243 -19.98 19.78 21.64
CA VAL A 243 -19.03 18.69 21.46
C VAL A 243 -19.70 17.48 20.84
N ALA A 244 -20.85 17.11 21.39
CA ALA A 244 -21.59 15.97 20.88
C ALA A 244 -21.90 16.20 19.40
N ALA A 245 -22.50 17.35 19.10
CA ALA A 245 -22.88 17.71 17.72
C ALA A 245 -21.68 17.69 16.78
N ILE A 246 -20.61 18.38 17.16
CA ILE A 246 -19.42 18.41 16.33
C ILE A 246 -18.87 17.01 16.14
N ARG A 247 -18.88 16.23 17.23
CA ARG A 247 -18.38 14.85 17.19
C ARG A 247 -19.18 14.09 16.16
N LYS A 248 -20.51 14.16 16.30
CA LYS A 248 -21.40 13.47 15.38
C LYS A 248 -21.09 13.85 13.95
N GLY A 249 -20.92 15.15 13.71
CA GLY A 249 -20.61 15.62 12.38
C GLY A 249 -19.28 15.06 11.89
N THR A 250 -18.29 15.12 12.76
CA THR A 250 -16.96 14.63 12.42
C THR A 250 -16.92 13.15 12.08
N ILE A 251 -17.66 12.34 12.84
CA ILE A 251 -17.71 10.91 12.60
C ILE A 251 -18.50 10.62 11.32
N ASP A 252 -19.59 11.36 11.09
CA ASP A 252 -20.41 11.17 9.89
C ASP A 252 -19.67 11.56 8.61
N LEU A 253 -18.47 12.12 8.76
CA LEU A 253 -17.63 12.53 7.63
C LEU A 253 -18.13 13.81 6.95
N LYS A 254 -18.94 14.60 7.65
CA LYS A 254 -19.46 15.83 7.08
C LYS A 254 -18.61 17.07 7.35
N ILE A 255 -18.03 17.16 8.54
CA ILE A 255 -17.13 18.29 8.83
C ILE A 255 -15.71 17.81 9.08
N THR A 256 -14.85 18.70 9.53
CA THR A 256 -13.47 18.37 9.80
C THR A 256 -12.89 19.37 10.79
N PRO A 257 -13.06 19.10 12.10
CA PRO A 257 -12.52 20.05 13.06
C PRO A 257 -11.05 20.32 12.74
N VAL A 258 -10.63 21.55 12.93
CA VAL A 258 -9.26 21.92 12.64
C VAL A 258 -8.70 22.49 13.93
N PHE A 259 -7.46 22.12 14.23
CA PHE A 259 -6.80 22.57 15.43
C PHE A 259 -5.45 23.03 14.96
N LEU A 260 -4.79 23.85 15.78
CA LEU A 260 -3.50 24.38 15.38
C LEU A 260 -2.52 24.42 16.56
N GLY A 261 -1.25 24.65 16.25
CA GLY A 261 -0.25 24.74 17.28
C GLY A 261 1.13 24.58 16.71
N SER A 262 2.11 24.42 17.59
CA SER A 262 3.47 24.20 17.17
C SER A 262 4.01 22.99 17.92
N ALA A 263 4.23 21.89 17.21
CA ALA A 263 4.74 20.69 17.84
C ALA A 263 6.14 20.98 18.35
N LEU A 264 6.98 21.49 17.46
CA LEU A 264 8.35 21.79 17.80
C LEU A 264 8.53 22.76 18.94
N LYS A 265 7.48 23.52 19.28
CA LYS A 265 7.62 24.50 20.37
C LYS A 265 6.65 24.23 21.50
N ASN A 266 6.11 23.02 21.51
CA ASN A 266 5.19 22.61 22.55
C ASN A 266 4.04 23.57 22.80
N LYS A 267 3.26 23.80 21.76
CA LYS A 267 2.10 24.67 21.88
C LYS A 267 0.93 23.97 21.21
N GLY A 268 -0.10 23.70 21.99
CA GLY A 268 -1.30 23.04 21.46
C GLY A 268 -1.38 21.53 21.55
N VAL A 269 -0.27 20.87 21.89
CA VAL A 269 -0.26 19.41 21.95
C VAL A 269 -1.35 18.80 22.82
N GLN A 270 -1.48 19.22 24.07
CA GLN A 270 -2.53 18.59 24.84
C GLN A 270 -3.94 18.93 24.33
N LEU A 271 -4.14 20.11 23.75
CA LEU A 271 -5.48 20.44 23.24
C LEU A 271 -5.74 19.49 22.07
N LEU A 272 -4.70 19.21 21.31
CA LEU A 272 -4.87 18.27 20.20
C LEU A 272 -5.25 16.89 20.79
N LEU A 273 -4.68 16.51 21.94
CA LEU A 273 -5.02 15.23 22.56
C LEU A 273 -6.45 15.23 23.08
N ASP A 274 -6.90 16.34 23.65
CA ASP A 274 -8.29 16.42 24.13
C ASP A 274 -9.22 16.26 22.92
N ALA A 275 -8.76 16.75 21.77
CA ALA A 275 -9.56 16.66 20.56
C ALA A 275 -9.75 15.22 20.14
N VAL A 276 -8.65 14.44 20.09
CA VAL A 276 -8.73 13.04 19.70
C VAL A 276 -9.74 12.29 20.57
N VAL A 277 -9.83 12.66 21.83
CA VAL A 277 -10.79 12.02 22.71
C VAL A 277 -12.19 12.54 22.39
N ASP A 278 -12.35 13.87 22.34
CA ASP A 278 -13.64 14.51 22.05
C ASP A 278 -14.29 14.19 20.71
N TYR A 279 -13.50 14.14 19.62
CA TYR A 279 -14.08 13.91 18.30
C TYR A 279 -13.78 12.64 17.51
N LEU A 280 -12.55 12.12 17.55
CA LEU A 280 -12.24 10.89 16.81
C LEU A 280 -13.06 9.74 17.39
N PRO A 281 -13.44 8.78 16.55
CA PRO A 281 -14.27 7.64 16.96
C PRO A 281 -13.60 6.51 17.75
N SER A 282 -14.46 5.66 18.32
CA SER A 282 -14.06 4.48 19.08
C SER A 282 -14.46 3.31 18.18
N PRO A 283 -13.87 2.13 18.39
CA PRO A 283 -14.20 0.96 17.57
C PRO A 283 -15.70 0.79 17.30
N LEU A 284 -16.52 1.29 18.23
CA LEU A 284 -17.97 1.20 18.13
C LEU A 284 -18.63 2.17 17.13
N ASP A 285 -18.07 3.38 17.02
CA ASP A 285 -18.62 4.42 16.13
C ASP A 285 -18.50 4.20 14.63
N ILE A 286 -17.65 3.28 14.20
CA ILE A 286 -17.48 3.05 12.78
C ILE A 286 -18.20 1.82 12.23
N PRO A 287 -18.28 1.72 10.89
CA PRO A 287 -18.97 0.57 10.30
C PRO A 287 -18.21 -0.75 10.45
N PRO A 288 -18.92 -1.84 10.78
CA PRO A 288 -18.32 -3.16 10.96
C PRO A 288 -17.49 -3.56 9.76
N ILE A 289 -16.41 -4.30 9.98
CA ILE A 289 -15.56 -4.75 8.90
C ILE A 289 -16.27 -5.90 8.22
N LYS A 290 -16.04 -6.08 6.92
CA LYS A 290 -16.70 -7.13 6.17
C LYS A 290 -15.80 -8.35 5.97
N GLY A 291 -16.38 -9.52 6.17
CA GLY A 291 -15.63 -10.75 6.01
C GLY A 291 -16.25 -11.70 5.01
N THR A 292 -15.40 -12.32 4.21
CA THR A 292 -15.83 -13.27 3.20
C THR A 292 -15.57 -14.69 3.72
N THR A 293 -16.64 -15.39 4.07
CA THR A 293 -16.56 -16.75 4.60
C THR A 293 -16.32 -17.81 3.51
N PRO A 294 -16.23 -19.10 3.90
CA PRO A 294 -16.02 -20.16 2.91
C PRO A 294 -17.31 -20.55 2.18
N GLU A 295 -17.84 -19.63 1.38
CA GLU A 295 -19.07 -19.87 0.64
C GLU A 295 -19.47 -18.55 -0.01
N GLY A 296 -18.86 -17.47 0.48
CA GLY A 296 -19.14 -16.15 -0.06
C GLY A 296 -20.31 -15.42 0.58
N GLU A 297 -20.86 -15.95 1.66
CA GLU A 297 -22.00 -15.28 2.29
C GLU A 297 -21.63 -13.89 2.76
N VAL A 298 -20.34 -13.58 2.72
CA VAL A 298 -19.80 -12.26 3.10
C VAL A 298 -20.62 -11.54 4.18
N VAL A 299 -20.28 -11.78 5.44
CA VAL A 299 -21.00 -11.14 6.54
C VAL A 299 -20.16 -10.12 7.32
N GLU A 300 -20.84 -9.23 8.04
CA GLU A 300 -20.15 -8.21 8.83
C GLU A 300 -19.84 -8.78 10.21
N ILE A 301 -18.69 -8.42 10.75
CA ILE A 301 -18.28 -8.89 12.06
C ILE A 301 -18.16 -7.71 13.02
N HIS A 302 -18.94 -7.75 14.08
CA HIS A 302 -18.98 -6.68 15.07
C HIS A 302 -17.95 -6.82 16.19
N PRO A 303 -17.54 -5.68 16.78
CA PRO A 303 -16.56 -5.65 17.86
C PRO A 303 -17.15 -6.14 19.18
N ASP A 304 -17.49 -7.42 19.24
CA ASP A 304 -18.04 -8.03 20.44
C ASP A 304 -16.88 -8.77 21.11
N PRO A 305 -16.58 -8.45 22.38
CA PRO A 305 -15.48 -9.12 23.09
C PRO A 305 -15.77 -10.59 23.37
N ASN A 306 -17.06 -10.92 23.54
CA ASN A 306 -17.48 -12.28 23.83
C ASN A 306 -17.99 -13.08 22.63
N GLY A 307 -17.56 -12.70 21.43
CA GLY A 307 -17.99 -13.40 20.23
C GLY A 307 -16.81 -14.08 19.57
N PRO A 308 -17.00 -14.80 18.47
CA PRO A 308 -15.87 -15.46 17.81
C PRO A 308 -14.66 -14.56 17.67
N LEU A 309 -13.47 -15.14 17.55
CA LEU A 309 -12.26 -14.37 17.41
C LEU A 309 -11.86 -14.15 15.97
N ALA A 310 -11.89 -12.89 15.55
CA ALA A 310 -11.51 -12.52 14.20
C ALA A 310 -10.41 -11.49 14.38
N ALA A 311 -9.29 -11.69 13.69
CA ALA A 311 -8.17 -10.76 13.82
C ALA A 311 -7.37 -10.69 12.52
N LEU A 312 -6.59 -9.64 12.36
CA LEU A 312 -5.80 -9.48 11.15
C LEU A 312 -4.41 -9.00 11.49
N ALA A 313 -3.42 -9.59 10.84
CA ALA A 313 -2.05 -9.18 11.09
C ALA A 313 -1.77 -8.19 9.99
N PHE A 314 -1.24 -7.02 10.34
CA PHE A 314 -0.97 -6.02 9.31
C PHE A 314 0.48 -5.64 9.17
N LYS A 315 1.30 -5.98 10.16
CA LYS A 315 2.72 -5.68 10.08
C LYS A 315 3.57 -6.66 10.88
N ILE A 316 4.64 -7.14 10.24
CA ILE A 316 5.57 -8.10 10.82
C ILE A 316 6.93 -7.40 10.99
N MET A 317 7.54 -7.55 12.17
CA MET A 317 8.86 -6.94 12.42
C MET A 317 9.72 -7.85 13.28
N ALA A 318 10.87 -8.24 12.74
CA ALA A 318 11.78 -9.11 13.45
C ALA A 318 12.44 -8.38 14.60
N ASP A 319 11.91 -8.56 15.81
CA ASP A 319 12.46 -7.92 17.00
C ASP A 319 13.72 -8.67 17.40
N PRO A 320 14.70 -7.97 17.98
CA PRO A 320 15.95 -8.60 18.40
C PRO A 320 15.95 -9.17 19.82
N TYR A 321 14.90 -8.89 20.59
CA TYR A 321 14.81 -9.39 21.96
C TYR A 321 13.78 -10.50 22.10
N VAL A 322 12.87 -10.60 21.14
CA VAL A 322 11.83 -11.62 21.19
C VAL A 322 11.65 -12.33 19.86
N GLY A 323 12.40 -11.88 18.85
CA GLY A 323 12.35 -12.50 17.53
C GLY A 323 11.00 -12.61 16.85
N ARG A 324 10.85 -11.89 15.75
CA ARG A 324 9.62 -11.89 14.93
C ARG A 324 8.34 -11.50 15.65
N LEU A 325 8.02 -10.21 15.61
CA LEU A 325 6.81 -9.67 16.22
C LEU A 325 5.74 -9.56 15.14
N THR A 326 4.53 -10.00 15.45
CA THR A 326 3.44 -9.91 14.49
C THR A 326 2.31 -9.06 15.04
N PHE A 327 2.18 -7.85 14.51
CA PHE A 327 1.12 -6.95 14.96
C PHE A 327 -0.21 -7.30 14.35
N ILE A 328 -1.25 -7.20 15.16
CA ILE A 328 -2.58 -7.54 14.70
C ILE A 328 -3.60 -6.59 15.26
N ARG A 329 -4.76 -6.58 14.63
CA ARG A 329 -5.87 -5.76 15.06
C ARG A 329 -6.98 -6.75 15.29
N VAL A 330 -7.55 -6.71 16.48
CA VAL A 330 -8.61 -7.64 16.82
C VAL A 330 -9.96 -6.99 16.51
N TYR A 331 -10.70 -7.58 15.58
CA TYR A 331 -12.01 -7.04 15.23
C TYR A 331 -13.09 -7.65 16.10
N SER A 332 -13.05 -8.97 16.26
CA SER A 332 -14.05 -9.65 17.07
C SER A 332 -13.48 -10.62 18.10
N GLY A 333 -14.19 -10.75 19.21
CA GLY A 333 -13.79 -11.65 20.27
C GLY A 333 -12.44 -11.39 20.90
N THR A 334 -12.17 -12.11 21.99
CA THR A 334 -10.93 -11.99 22.72
C THR A 334 -9.86 -12.98 22.28
N LEU A 335 -8.60 -12.54 22.33
CA LEU A 335 -7.45 -13.39 21.99
C LEU A 335 -6.62 -13.49 23.25
N THR A 336 -6.37 -14.71 23.71
CA THR A 336 -5.62 -14.94 24.95
C THR A 336 -4.20 -15.47 24.79
N SER A 337 -3.35 -15.11 25.75
CA SER A 337 -1.95 -15.54 25.75
C SER A 337 -1.84 -17.05 25.98
N GLY A 338 -0.99 -17.71 25.19
CA GLY A 338 -0.83 -19.13 25.31
C GLY A 338 -2.08 -19.88 24.89
N SER A 339 -2.39 -19.82 23.61
CA SER A 339 -3.55 -20.50 23.05
C SER A 339 -3.27 -20.79 21.60
N TYR A 340 -4.18 -21.51 20.94
CA TYR A 340 -3.98 -21.84 19.54
C TYR A 340 -4.92 -21.01 18.69
N VAL A 341 -4.49 -20.67 17.47
CA VAL A 341 -5.32 -19.91 16.56
C VAL A 341 -5.18 -20.52 15.17
N TYR A 342 -6.23 -20.40 14.37
CA TYR A 342 -6.22 -20.91 13.01
C TYR A 342 -6.01 -19.75 12.04
N ASN A 343 -5.02 -19.89 11.16
CA ASN A 343 -4.72 -18.86 10.19
C ASN A 343 -5.52 -19.17 8.92
N THR A 344 -6.77 -18.75 8.91
CA THR A 344 -7.69 -18.99 7.79
C THR A 344 -7.19 -18.63 6.38
N THR A 345 -6.13 -17.85 6.28
CA THR A 345 -5.62 -17.51 4.95
C THR A 345 -4.68 -18.59 4.47
N LYS A 346 -3.75 -19.01 5.33
CA LYS A 346 -2.79 -20.05 4.97
C LYS A 346 -3.20 -21.47 5.38
N GLY A 347 -4.39 -21.63 5.95
CA GLY A 347 -4.85 -22.95 6.36
C GLY A 347 -4.11 -23.45 7.59
N ARG A 348 -2.86 -23.02 7.73
CA ARG A 348 -2.00 -23.38 8.84
C ARG A 348 -2.66 -23.22 10.22
N LYS A 349 -1.93 -23.61 11.26
CA LYS A 349 -2.42 -23.50 12.63
C LYS A 349 -1.28 -22.88 13.42
N GLU A 350 -1.61 -22.10 14.45
CA GLU A 350 -0.55 -21.45 15.21
C GLU A 350 -0.75 -21.29 16.71
N ARG A 351 0.38 -21.22 17.41
CA ARG A 351 0.40 -21.09 18.85
C ARG A 351 0.73 -19.67 19.25
N VAL A 352 -0.17 -19.02 19.96
CA VAL A 352 0.09 -17.67 20.38
C VAL A 352 0.83 -17.79 21.70
N ALA A 353 2.13 -17.62 21.66
CA ALA A 353 2.93 -17.71 22.86
C ALA A 353 2.59 -16.57 23.82
N ARG A 354 3.02 -15.36 23.46
CA ARG A 354 2.77 -14.20 24.31
C ARG A 354 2.08 -13.04 23.58
N LEU A 355 1.50 -12.13 24.35
CA LEU A 355 0.85 -10.95 23.81
C LEU A 355 1.54 -9.72 24.42
N LEU A 356 2.21 -8.95 23.57
CA LEU A 356 2.91 -7.74 23.99
C LEU A 356 2.24 -6.44 23.58
N ARG A 357 2.56 -5.38 24.31
CA ARG A 357 2.05 -4.05 24.03
C ARG A 357 3.25 -3.13 24.03
N MET A 358 3.40 -2.36 22.96
CA MET A 358 4.53 -1.46 22.89
C MET A 358 4.12 -0.07 23.41
N HIS A 359 4.87 0.45 24.37
CA HIS A 359 4.60 1.78 24.89
C HIS A 359 5.76 2.65 24.41
N ALA A 360 5.73 3.92 24.79
CA ALA A 360 6.78 4.81 24.35
C ALA A 360 8.16 4.25 24.70
N ASN A 361 8.44 4.14 26.00
CA ASN A 361 9.75 3.65 26.45
C ASN A 361 9.80 2.29 27.12
N HIS A 362 9.03 1.32 26.63
CA HIS A 362 9.05 -0.01 27.22
C HIS A 362 8.01 -0.92 26.66
N ARG A 363 8.14 -2.21 26.95
CA ARG A 363 7.20 -3.21 26.49
C ARG A 363 6.34 -3.59 27.69
N GLU A 364 5.17 -4.14 27.42
CA GLU A 364 4.25 -4.57 28.46
C GLU A 364 3.69 -5.87 27.96
N GLU A 365 3.59 -6.85 28.85
CA GLU A 365 3.09 -8.16 28.48
C GLU A 365 1.67 -8.26 29.03
N VAL A 366 0.77 -8.83 28.24
CA VAL A 366 -0.62 -8.93 28.68
C VAL A 366 -1.23 -10.29 28.40
N GLU A 367 -2.23 -10.65 29.21
CA GLU A 367 -2.92 -11.94 29.11
C GLU A 367 -3.97 -11.97 28.02
N GLU A 368 -4.25 -10.83 27.40
CA GLU A 368 -5.26 -10.78 26.36
C GLU A 368 -5.30 -9.49 25.55
N LEU A 369 -6.13 -9.52 24.51
CA LEU A 369 -6.36 -8.40 23.62
C LEU A 369 -7.79 -8.57 23.17
N LYS A 370 -8.69 -7.76 23.71
CA LYS A 370 -10.11 -7.84 23.35
C LYS A 370 -10.40 -7.26 21.96
N ALA A 371 -11.66 -7.35 21.56
CA ALA A 371 -12.10 -6.83 20.28
C ALA A 371 -11.92 -5.32 20.22
N GLY A 372 -11.56 -4.82 19.03
CA GLY A 372 -11.38 -3.39 18.86
C GLY A 372 -10.07 -2.88 19.41
N ASP A 373 -9.19 -3.79 19.83
CA ASP A 373 -7.90 -3.38 20.37
C ASP A 373 -6.77 -3.91 19.49
N LEU A 374 -5.53 -3.51 19.76
CA LEU A 374 -4.40 -3.97 18.94
C LEU A 374 -3.13 -4.17 19.78
N GLY A 375 -2.26 -5.06 19.31
CA GLY A 375 -1.02 -5.33 20.01
C GLY A 375 -0.13 -6.30 19.25
N ALA A 376 1.07 -6.54 19.77
CA ALA A 376 2.02 -7.47 19.16
C ALA A 376 1.79 -8.90 19.64
N VAL A 377 2.09 -9.86 18.80
CA VAL A 377 1.91 -11.27 19.14
C VAL A 377 3.18 -12.08 18.86
N VAL A 378 3.76 -12.66 19.91
CA VAL A 378 4.95 -13.49 19.74
C VAL A 378 4.54 -14.96 19.62
N GLY A 379 5.16 -15.68 18.70
CA GLY A 379 4.83 -17.08 18.55
C GLY A 379 4.50 -17.56 17.15
N LEU A 380 3.84 -16.71 16.35
CA LEU A 380 3.47 -17.10 14.99
C LEU A 380 4.70 -17.41 14.14
N LYS A 381 4.57 -18.41 13.25
CA LYS A 381 5.68 -18.83 12.40
C LYS A 381 5.35 -18.74 10.90
N GLU A 382 4.09 -19.00 10.55
CA GLU A 382 3.67 -18.97 9.15
C GLU A 382 2.91 -17.71 8.74
N THR A 383 2.32 -17.02 9.72
CA THR A 383 1.56 -15.81 9.43
C THR A 383 2.39 -14.67 8.85
N ILE A 384 1.91 -14.12 7.73
CA ILE A 384 2.59 -13.00 7.05
C ILE A 384 1.64 -11.81 6.96
N THR A 385 2.18 -10.65 6.57
CA THR A 385 1.38 -9.44 6.47
C THR A 385 0.11 -9.61 5.63
N GLY A 386 -1.03 -9.28 6.22
CA GLY A 386 -2.28 -9.42 5.51
C GLY A 386 -3.12 -10.63 5.89
N ASP A 387 -2.54 -11.61 6.59
CA ASP A 387 -3.30 -12.80 6.97
C ASP A 387 -4.34 -12.62 8.08
N THR A 388 -5.40 -13.41 7.99
CA THR A 388 -6.49 -13.39 8.97
C THR A 388 -6.29 -14.53 9.98
N LEU A 389 -6.59 -14.27 11.25
CA LEU A 389 -6.45 -15.27 12.30
C LEU A 389 -7.71 -15.37 13.12
N VAL A 390 -8.20 -16.59 13.31
CA VAL A 390 -9.41 -16.82 14.09
C VAL A 390 -9.18 -17.86 15.17
N GLY A 391 -10.14 -18.00 16.08
CA GLY A 391 -10.01 -18.99 17.14
C GLY A 391 -10.16 -20.38 16.56
N GLU A 392 -9.72 -21.39 17.29
CA GLU A 392 -9.81 -22.75 16.79
C GLU A 392 -11.21 -23.07 16.30
N ASP A 393 -12.15 -23.20 17.21
CA ASP A 393 -13.53 -23.49 16.81
C ASP A 393 -14.32 -22.21 16.60
N ALA A 394 -14.07 -21.57 15.46
CA ALA A 394 -14.74 -20.32 15.12
C ALA A 394 -14.94 -20.19 13.61
N PRO A 395 -15.89 -19.32 13.19
CA PRO A 395 -16.20 -19.09 11.78
C PRO A 395 -14.95 -18.78 10.96
N ARG A 396 -14.60 -19.68 10.06
CA ARG A 396 -13.40 -19.49 9.23
C ARG A 396 -13.60 -18.40 8.18
N VAL A 397 -13.52 -17.16 8.63
CA VAL A 397 -13.68 -16.01 7.75
C VAL A 397 -12.32 -15.47 7.34
N ILE A 398 -12.21 -14.95 6.11
CA ILE A 398 -10.95 -14.39 5.65
C ILE A 398 -11.13 -12.90 5.31
N LEU A 399 -10.59 -12.05 6.18
CA LEU A 399 -10.71 -10.59 6.05
C LEU A 399 -10.01 -9.87 4.89
N GLU A 400 -8.98 -10.46 4.30
CA GLU A 400 -8.27 -9.81 3.20
C GLU A 400 -7.88 -10.83 2.13
N SER A 401 -7.51 -10.34 0.94
CA SER A 401 -7.11 -11.23 -0.16
C SER A 401 -5.82 -10.76 -0.83
N VAL A 476 23.40 -2.47 -8.76
CA VAL A 476 22.02 -2.83 -9.19
C VAL A 476 21.73 -2.41 -10.63
N GLY A 477 20.97 -3.23 -11.34
CA GLY A 477 20.65 -2.95 -12.73
C GLY A 477 19.51 -1.98 -12.91
N LYS A 478 18.99 -1.92 -14.13
CA LYS A 478 17.88 -1.01 -14.47
C LYS A 478 16.58 -1.80 -14.59
N PRO A 479 15.47 -1.20 -14.16
CA PRO A 479 14.17 -1.88 -14.24
C PRO A 479 13.81 -2.19 -15.69
N GLN A 480 13.67 -3.48 -16.00
CA GLN A 480 13.34 -3.90 -17.35
C GLN A 480 11.99 -4.61 -17.44
N VAL A 481 11.37 -4.55 -18.62
CA VAL A 481 10.08 -5.18 -18.85
C VAL A 481 10.23 -6.68 -19.08
N ALA A 482 9.20 -7.43 -18.66
CA ALA A 482 9.20 -8.88 -18.83
C ALA A 482 8.60 -9.22 -20.18
N TYR A 483 9.46 -9.29 -21.19
CA TYR A 483 9.04 -9.62 -22.53
C TYR A 483 8.91 -11.12 -22.72
N ARG A 484 8.26 -11.52 -23.80
CA ARG A 484 8.07 -12.92 -24.14
C ARG A 484 8.00 -13.00 -25.65
N GLU A 485 8.67 -13.99 -26.22
CA GLU A 485 8.67 -14.16 -27.67
C GLU A 485 7.73 -15.30 -28.03
N THR A 486 7.36 -15.37 -29.29
CA THR A 486 6.48 -16.44 -29.76
C THR A 486 6.42 -16.40 -31.28
N ILE A 487 5.72 -17.34 -31.88
CA ILE A 487 5.63 -17.37 -33.33
C ILE A 487 4.23 -17.09 -33.86
N THR A 488 4.10 -17.04 -35.18
CA THR A 488 2.84 -16.70 -35.83
C THR A 488 2.28 -17.70 -36.83
N LYS A 489 3.14 -18.33 -37.62
CA LYS A 489 2.69 -19.33 -38.58
C LYS A 489 3.34 -20.67 -38.21
N PRO A 490 2.64 -21.78 -38.50
CA PRO A 490 3.23 -23.09 -38.19
C PRO A 490 4.50 -23.23 -38.99
N VAL A 491 5.49 -23.94 -38.46
CA VAL A 491 6.73 -24.14 -39.20
C VAL A 491 7.19 -25.58 -39.07
N ASP A 492 8.10 -25.98 -39.94
CA ASP A 492 8.61 -27.35 -39.93
C ASP A 492 10.12 -27.30 -40.16
N VAL A 493 10.88 -27.31 -39.08
CA VAL A 493 12.34 -27.26 -39.19
C VAL A 493 13.02 -28.55 -38.75
N GLU A 494 14.35 -28.52 -38.70
CA GLU A 494 15.10 -29.68 -38.25
C GLU A 494 16.41 -29.28 -37.57
N GLY A 495 16.73 -29.96 -36.47
CA GLY A 495 17.95 -29.70 -35.72
C GLY A 495 18.98 -30.73 -36.17
N LYS A 496 20.24 -30.34 -36.26
CA LYS A 496 21.25 -31.27 -36.70
C LYS A 496 22.62 -30.92 -36.15
N PHE A 497 23.19 -31.84 -35.38
CA PHE A 497 24.52 -31.66 -34.79
C PHE A 497 25.34 -32.87 -35.20
N ILE A 498 26.35 -32.65 -36.02
CA ILE A 498 27.18 -33.76 -36.49
C ILE A 498 28.61 -33.31 -36.66
N ARG A 499 29.51 -33.80 -35.80
CA ARG A 499 30.90 -33.45 -35.90
C ARG A 499 31.83 -34.13 -34.90
N GLN A 500 33.10 -34.26 -35.27
CA GLN A 500 34.12 -34.88 -34.43
C GLN A 500 34.59 -33.96 -33.32
N THR A 501 34.07 -34.19 -32.11
CA THR A 501 34.45 -33.38 -30.95
C THR A 501 34.74 -34.27 -29.75
N GLY A 502 36.00 -34.31 -29.34
CA GLY A 502 36.40 -35.12 -28.21
C GLY A 502 36.81 -36.52 -28.64
N GLY A 503 37.45 -36.61 -29.80
CA GLY A 503 37.89 -37.90 -30.31
C GLY A 503 36.77 -38.77 -30.87
N ARG A 504 35.62 -38.74 -30.19
CA ARG A 504 34.46 -39.52 -30.62
C ARG A 504 33.52 -38.67 -31.47
N GLY A 505 32.86 -39.33 -32.41
CA GLY A 505 31.91 -38.62 -33.25
C GLY A 505 30.68 -38.27 -32.44
N GLN A 506 29.92 -37.31 -32.94
CA GLN A 506 28.69 -36.87 -32.29
C GLN A 506 27.65 -36.77 -33.39
N TYR A 507 26.43 -37.17 -33.09
CA TYR A 507 25.40 -37.13 -34.10
C TYR A 507 24.02 -37.14 -33.50
N GLY A 508 23.30 -36.04 -33.73
CA GLY A 508 21.95 -35.90 -33.25
C GLY A 508 21.18 -35.20 -34.35
N HIS A 509 20.03 -35.75 -34.71
CA HIS A 509 19.24 -35.16 -35.78
C HIS A 509 17.76 -35.28 -35.45
N VAL A 510 17.10 -34.14 -35.26
CA VAL A 510 15.67 -34.13 -34.96
C VAL A 510 14.88 -33.28 -35.96
N LYS A 511 13.63 -33.67 -36.18
CA LYS A 511 12.73 -32.93 -37.07
C LYS A 511 11.47 -32.62 -36.28
N ILE A 512 11.17 -31.33 -36.10
CA ILE A 512 9.97 -30.95 -35.35
C ILE A 512 9.04 -30.00 -36.08
N LYS A 513 7.77 -30.04 -35.68
CA LYS A 513 6.75 -29.17 -36.24
C LYS A 513 6.27 -28.27 -35.14
N VAL A 514 6.61 -26.99 -35.21
CA VAL A 514 6.17 -26.04 -34.19
C VAL A 514 4.98 -25.28 -34.75
N GLU A 515 4.00 -25.02 -33.90
CA GLU A 515 2.81 -24.29 -34.30
C GLU A 515 2.33 -23.39 -33.18
N PRO A 516 1.91 -22.17 -33.50
CA PRO A 516 1.41 -21.22 -32.50
C PRO A 516 0.18 -21.73 -31.79
N LEU A 517 0.07 -21.36 -30.52
CA LEU A 517 -1.04 -21.77 -29.68
C LEU A 517 -1.75 -20.52 -29.15
N PRO A 518 -3.06 -20.62 -28.86
CA PRO A 518 -3.84 -19.51 -28.33
C PRO A 518 -3.10 -18.78 -27.21
N ARG A 519 -3.13 -17.45 -27.25
CA ARG A 519 -2.45 -16.64 -26.22
C ARG A 519 -2.77 -17.16 -24.84
N GLY A 520 -1.73 -17.46 -24.06
CA GLY A 520 -1.92 -17.93 -22.71
C GLY A 520 -2.21 -19.43 -22.55
N SER A 521 -2.07 -20.18 -23.62
CA SER A 521 -2.31 -21.62 -23.56
C SER A 521 -1.10 -22.34 -22.94
N GLY A 522 0.06 -21.70 -23.02
CA GLY A 522 1.26 -22.26 -22.46
C GLY A 522 2.11 -23.08 -23.40
N PHE A 523 2.56 -24.24 -22.92
CA PHE A 523 3.41 -25.11 -23.71
C PHE A 523 2.80 -26.49 -23.91
N GLU A 524 3.18 -27.14 -24.99
CA GLU A 524 2.66 -28.46 -25.28
C GLU A 524 3.68 -29.22 -26.12
N PHE A 525 4.10 -30.40 -25.64
CA PHE A 525 5.07 -31.22 -26.36
C PHE A 525 4.46 -32.55 -26.73
N VAL A 526 4.69 -32.95 -27.96
CA VAL A 526 4.15 -34.19 -28.49
C VAL A 526 5.25 -35.04 -29.11
N ASN A 527 5.28 -36.32 -28.76
CA ASN A 527 6.25 -37.26 -29.33
C ASN A 527 5.49 -38.04 -30.39
N ALA A 528 5.82 -37.81 -31.66
CA ALA A 528 5.15 -38.47 -32.77
C ALA A 528 6.08 -39.46 -33.47
N ILE A 529 7.27 -39.65 -32.91
CA ILE A 529 8.23 -40.58 -33.49
C ILE A 529 7.68 -42.00 -33.43
N VAL A 530 8.05 -42.81 -34.41
CA VAL A 530 7.61 -44.19 -34.44
C VAL A 530 8.68 -45.05 -35.09
N GLY A 531 8.58 -46.37 -34.91
CA GLY A 531 9.56 -47.26 -35.50
C GLY A 531 10.97 -46.92 -35.05
N GLY A 532 11.08 -46.41 -33.83
CA GLY A 532 12.36 -46.05 -33.26
C GLY A 532 13.38 -45.35 -34.14
N VAL A 533 12.96 -44.43 -35.02
CA VAL A 533 13.92 -43.71 -35.87
C VAL A 533 14.91 -42.92 -35.01
N ILE A 534 14.52 -42.67 -33.77
CA ILE A 534 15.36 -41.99 -32.79
C ILE A 534 15.33 -42.87 -31.54
N PRO A 535 16.49 -43.40 -31.13
CA PRO A 535 16.60 -44.28 -29.96
C PRO A 535 15.86 -43.74 -28.74
N LYS A 536 14.90 -44.51 -28.25
CA LYS A 536 14.10 -44.10 -27.09
C LYS A 536 14.91 -43.50 -25.95
N GLU A 537 16.18 -43.86 -25.85
CA GLU A 537 17.02 -43.37 -24.76
C GLU A 537 17.44 -41.91 -24.94
N TYR A 538 17.14 -41.35 -26.10
CA TYR A 538 17.55 -39.98 -26.36
C TYR A 538 16.43 -38.94 -26.33
N ILE A 539 15.18 -39.42 -26.35
CA ILE A 539 14.03 -38.51 -26.29
C ILE A 539 14.18 -37.50 -25.14
N PRO A 540 14.48 -37.99 -23.92
CA PRO A 540 14.63 -37.03 -22.82
C PRO A 540 15.67 -35.96 -23.12
N ALA A 541 16.71 -36.35 -23.86
CA ALA A 541 17.76 -35.40 -24.22
C ALA A 541 17.16 -34.36 -25.14
N VAL A 542 16.43 -34.83 -26.17
CA VAL A 542 15.78 -33.97 -27.13
C VAL A 542 14.84 -32.99 -26.44
N GLN A 543 13.96 -33.50 -25.58
CA GLN A 543 13.05 -32.64 -24.84
C GLN A 543 13.75 -31.58 -24.01
N LYS A 544 14.81 -31.98 -23.32
CA LYS A 544 15.53 -31.05 -22.47
C LYS A 544 16.26 -29.98 -23.26
N GLY A 545 16.71 -30.33 -24.47
CA GLY A 545 17.42 -29.37 -25.29
C GLY A 545 16.45 -28.30 -25.74
N ILE A 546 15.20 -28.72 -25.92
CA ILE A 546 14.12 -27.87 -26.34
C ILE A 546 13.68 -26.91 -25.24
N GLU A 547 13.38 -27.43 -24.06
CA GLU A 547 12.96 -26.56 -22.97
C GLU A 547 14.07 -25.63 -22.51
N GLU A 548 15.30 -25.95 -22.90
CA GLU A 548 16.44 -25.14 -22.52
C GLU A 548 16.52 -23.94 -23.46
N ALA A 549 16.33 -24.19 -24.74
CA ALA A 549 16.39 -23.16 -25.76
C ALA A 549 15.19 -22.21 -25.71
N MET A 550 14.10 -22.64 -25.08
CA MET A 550 12.92 -21.79 -24.99
C MET A 550 13.10 -20.73 -23.91
N GLN A 551 14.08 -20.91 -23.04
CA GLN A 551 14.34 -19.95 -21.98
C GLN A 551 14.77 -18.60 -22.53
N SER A 552 15.41 -18.62 -23.69
CA SER A 552 15.88 -17.40 -24.30
C SER A 552 15.61 -17.42 -25.81
N GLY A 553 14.56 -16.73 -26.22
CA GLY A 553 14.21 -16.70 -27.63
C GLY A 553 15.26 -16.01 -28.48
N PRO A 554 15.24 -16.25 -29.80
CA PRO A 554 16.20 -15.65 -30.72
C PRO A 554 15.99 -14.17 -31.07
N LEU A 555 14.85 -13.59 -30.66
CA LEU A 555 14.59 -12.19 -30.97
C LEU A 555 15.22 -11.19 -30.00
N ILE A 556 15.05 -11.41 -28.69
CA ILE A 556 15.62 -10.52 -27.70
C ILE A 556 16.11 -11.30 -26.48
N GLY A 557 16.05 -12.62 -26.58
CA GLY A 557 16.51 -13.46 -25.50
C GLY A 557 15.54 -13.62 -24.35
N PHE A 558 14.24 -13.60 -24.62
CA PHE A 558 13.25 -13.78 -23.56
C PHE A 558 12.52 -15.11 -23.73
N PRO A 559 11.97 -15.62 -22.64
CA PRO A 559 11.26 -16.90 -22.76
C PRO A 559 10.25 -17.02 -23.90
N VAL A 560 10.41 -18.07 -24.71
CA VAL A 560 9.50 -18.35 -25.81
C VAL A 560 8.23 -18.94 -25.17
N VAL A 561 7.08 -18.63 -25.74
CA VAL A 561 5.83 -19.11 -25.16
C VAL A 561 4.72 -19.48 -26.14
N ASP A 562 3.63 -19.98 -25.57
CA ASP A 562 2.44 -20.39 -26.30
C ASP A 562 2.73 -21.12 -27.61
N ILE A 563 3.54 -22.15 -27.54
CA ILE A 563 3.87 -22.94 -28.72
C ILE A 563 3.57 -24.42 -28.47
N LYS A 564 3.48 -25.17 -29.57
CA LYS A 564 3.20 -26.58 -29.49
C LYS A 564 4.27 -27.27 -30.32
N VAL A 565 5.19 -27.96 -29.66
CA VAL A 565 6.24 -28.67 -30.37
C VAL A 565 5.83 -30.11 -30.62
N THR A 566 6.26 -30.66 -31.76
CA THR A 566 5.94 -32.04 -32.11
C THR A 566 7.10 -32.75 -32.78
N LEU A 567 7.72 -33.69 -32.06
CA LEU A 567 8.85 -34.47 -32.58
C LEU A 567 8.25 -35.55 -33.47
N TYR A 568 8.61 -35.54 -34.75
CA TYR A 568 8.02 -36.51 -35.67
C TYR A 568 9.02 -37.26 -36.54
N ASP A 569 10.29 -36.94 -36.42
CA ASP A 569 11.28 -37.66 -37.22
C ASP A 569 12.70 -37.30 -36.86
N GLY A 570 13.64 -37.90 -37.58
CA GLY A 570 15.05 -37.68 -37.34
C GLY A 570 15.83 -38.94 -37.68
N SER A 571 17.12 -38.94 -37.34
CA SER A 571 17.96 -40.09 -37.61
C SER A 571 19.04 -40.17 -36.54
N TYR A 572 19.81 -41.25 -36.55
CA TYR A 572 20.88 -41.43 -35.57
C TYR A 572 22.00 -42.30 -36.11
N HIS A 573 23.14 -42.26 -35.44
CA HIS A 573 24.29 -43.08 -35.81
C HIS A 573 24.43 -44.22 -34.82
N GLU A 574 24.80 -45.40 -35.32
CA GLU A 574 24.98 -46.60 -34.50
C GLU A 574 25.91 -46.34 -33.29
N VAL A 575 27.03 -45.71 -33.56
CA VAL A 575 27.99 -45.41 -32.51
C VAL A 575 28.11 -43.92 -32.15
N ASP A 576 28.09 -43.02 -33.13
CA ASP A 576 28.24 -41.58 -32.84
C ASP A 576 27.15 -40.83 -32.07
N SER A 577 25.90 -41.31 -32.10
CA SER A 577 24.84 -40.62 -31.37
C SER A 577 25.12 -40.60 -29.88
N SER A 578 24.51 -39.63 -29.19
CA SER A 578 24.69 -39.45 -27.75
C SER A 578 23.67 -38.45 -27.22
N GLU A 579 23.43 -38.46 -25.91
CA GLU A 579 22.49 -37.55 -25.31
C GLU A 579 22.80 -36.09 -25.67
N MET A 580 24.07 -35.72 -25.53
CA MET A 580 24.50 -34.35 -25.84
C MET A 580 24.11 -33.97 -27.25
N ALA A 581 24.49 -34.80 -28.21
CA ALA A 581 24.19 -34.56 -29.60
C ALA A 581 22.71 -34.30 -29.82
N PHE A 582 21.84 -35.06 -29.19
CA PHE A 582 20.40 -34.88 -29.35
C PHE A 582 19.85 -33.71 -28.54
N LYS A 583 20.64 -33.19 -27.61
CA LYS A 583 20.21 -32.06 -26.79
C LYS A 583 20.47 -30.77 -27.59
N ILE A 584 21.63 -30.73 -28.23
CA ILE A 584 22.05 -29.60 -29.06
C ILE A 584 21.09 -29.52 -30.25
N ALA A 585 20.93 -30.65 -30.93
CA ALA A 585 20.08 -30.74 -32.10
C ALA A 585 18.63 -30.35 -31.79
N GLY A 586 18.20 -30.60 -30.57
CA GLY A 586 16.85 -30.24 -30.21
C GLY A 586 16.81 -28.77 -29.93
N SER A 587 17.89 -28.27 -29.38
CA SER A 587 18.03 -26.86 -29.04
C SER A 587 18.02 -26.05 -30.32
N MET A 588 18.93 -26.37 -31.23
CA MET A 588 19.04 -25.71 -32.53
C MET A 588 17.72 -25.71 -33.29
N ALA A 589 17.05 -26.85 -33.28
CA ALA A 589 15.78 -26.98 -33.98
C ALA A 589 14.77 -25.94 -33.50
N ILE A 590 14.62 -25.80 -32.19
CA ILE A 590 13.66 -24.86 -31.64
C ILE A 590 14.03 -23.42 -31.99
N LYS A 591 15.32 -23.11 -31.95
CA LYS A 591 15.78 -21.76 -32.24
C LYS A 591 15.41 -21.36 -33.64
N GLU A 592 15.55 -22.27 -34.59
CA GLU A 592 15.21 -21.94 -35.97
C GLU A 592 13.71 -21.94 -36.17
N ALA A 593 13.01 -22.67 -35.31
CA ALA A 593 11.56 -22.74 -35.39
C ALA A 593 10.99 -21.35 -35.10
N VAL A 594 11.54 -20.69 -34.08
CA VAL A 594 11.07 -19.38 -33.70
C VAL A 594 11.50 -18.31 -34.70
N GLN A 595 12.65 -18.49 -35.35
CA GLN A 595 13.11 -17.50 -36.31
C GLN A 595 12.33 -17.55 -37.62
N LYS A 596 12.02 -18.75 -38.08
CA LYS A 596 11.29 -18.91 -39.33
C LYS A 596 9.77 -18.94 -39.17
N GLY A 597 9.28 -18.62 -37.98
CA GLY A 597 7.85 -18.64 -37.77
C GLY A 597 7.20 -17.28 -37.64
N ASP A 598 7.72 -16.28 -38.34
CA ASP A 598 7.19 -14.92 -38.27
C ASP A 598 6.98 -14.60 -36.81
N PRO A 599 8.06 -14.67 -36.02
CA PRO A 599 8.06 -14.39 -34.59
C PRO A 599 7.53 -13.00 -34.25
N VAL A 600 7.12 -12.82 -33.00
CA VAL A 600 6.61 -11.54 -32.53
C VAL A 600 6.83 -11.39 -31.03
N ILE A 601 7.29 -10.22 -30.61
CA ILE A 601 7.51 -9.98 -29.20
C ILE A 601 6.19 -9.62 -28.53
N LEU A 602 5.96 -10.13 -27.32
CA LEU A 602 4.75 -9.86 -26.57
C LEU A 602 5.16 -9.00 -25.42
N GLU A 603 4.30 -8.06 -25.03
CA GLU A 603 4.63 -7.18 -23.92
C GLU A 603 3.46 -7.08 -22.95
N PRO A 604 3.76 -6.76 -21.69
CA PRO A 604 2.72 -6.62 -20.67
C PRO A 604 1.92 -5.33 -20.82
N ILE A 605 0.60 -5.46 -20.74
CA ILE A 605 -0.30 -4.32 -20.84
C ILE A 605 -0.95 -4.10 -19.48
N MET A 606 -0.55 -3.04 -18.80
CA MET A 606 -1.08 -2.71 -17.48
C MET A 606 -2.38 -1.93 -17.60
N ARG A 607 -3.24 -2.02 -16.58
CA ARG A 607 -4.47 -1.24 -16.58
C ARG A 607 -4.22 -0.21 -15.50
N VAL A 608 -4.03 1.03 -15.91
CA VAL A 608 -3.73 2.10 -14.98
C VAL A 608 -4.95 2.73 -14.33
N GLU A 609 -4.68 3.66 -13.42
CA GLU A 609 -5.70 4.41 -12.69
C GLU A 609 -5.07 5.73 -12.29
N VAL A 610 -5.41 6.80 -12.99
CA VAL A 610 -4.85 8.11 -12.68
C VAL A 610 -5.93 9.02 -12.10
N THR A 611 -5.70 9.54 -10.91
CA THR A 611 -6.65 10.45 -10.27
C THR A 611 -6.07 11.87 -10.33
N THR A 612 -6.65 12.68 -11.21
CA THR A 612 -6.19 14.06 -11.38
C THR A 612 -7.38 15.01 -11.32
N PRO A 613 -7.23 16.14 -10.60
CA PRO A 613 -8.35 17.08 -10.54
C PRO A 613 -8.75 17.46 -11.96
N GLU A 614 -10.06 17.48 -12.25
CA GLU A 614 -10.54 17.77 -13.59
C GLU A 614 -9.86 18.96 -14.30
N GLU A 615 -9.06 19.70 -13.54
CA GLU A 615 -8.33 20.86 -14.09
C GLU A 615 -7.25 20.45 -15.09
N TYR A 616 -6.82 19.20 -15.01
CA TYR A 616 -5.79 18.69 -15.90
C TYR A 616 -6.36 17.57 -16.75
N MET A 617 -7.65 17.31 -16.53
CA MET A 617 -8.39 16.27 -17.24
C MET A 617 -7.80 15.95 -18.61
N GLY A 618 -8.13 16.78 -19.59
CA GLY A 618 -7.66 16.59 -20.95
C GLY A 618 -6.16 16.56 -21.15
N ASP A 619 -5.40 17.01 -20.17
CA ASP A 619 -3.94 17.01 -20.28
C ASP A 619 -3.38 15.60 -20.05
N VAL A 620 -3.81 14.97 -18.96
CA VAL A 620 -3.37 13.62 -18.61
C VAL A 620 -3.90 12.59 -19.61
N ILE A 621 -5.19 12.66 -19.90
CA ILE A 621 -5.80 11.73 -20.85
C ILE A 621 -5.28 11.99 -22.24
N GLY A 622 -4.29 12.86 -22.34
CA GLY A 622 -3.71 13.18 -23.62
C GLY A 622 -2.28 12.68 -23.64
N ASP A 623 -1.63 12.71 -22.48
CA ASP A 623 -0.26 12.23 -22.34
C ASP A 623 -0.26 10.71 -22.45
N LEU A 624 -1.28 10.07 -21.89
CA LEU A 624 -1.39 8.63 -21.95
C LEU A 624 -1.37 8.17 -23.40
N ASN A 625 -2.27 8.69 -24.22
CA ASN A 625 -2.32 8.31 -25.62
C ASN A 625 -0.96 8.45 -26.30
N ALA A 626 -0.10 9.28 -25.73
CA ALA A 626 1.23 9.48 -26.28
C ALA A 626 2.14 8.32 -25.88
N ARG A 627 1.65 7.47 -25.00
CA ARG A 627 2.39 6.32 -24.49
C ARG A 627 1.73 5.03 -25.00
N ARG A 628 0.96 5.17 -26.07
CA ARG A 628 0.26 4.07 -26.70
C ARG A 628 -0.86 3.50 -25.85
N GLY A 629 -1.30 4.27 -24.86
CA GLY A 629 -2.37 3.82 -23.99
C GLY A 629 -3.72 3.72 -24.68
N GLN A 630 -4.78 3.48 -23.91
CA GLN A 630 -6.13 3.36 -24.43
C GLN A 630 -7.17 3.62 -23.34
N ILE A 631 -7.70 4.84 -23.31
CA ILE A 631 -8.68 5.22 -22.29
C ILE A 631 -9.93 4.33 -22.32
N LEU A 632 -10.28 3.79 -21.16
CA LEU A 632 -11.44 2.91 -21.01
C LEU A 632 -12.67 3.68 -20.55
N GLY A 633 -12.49 4.49 -19.51
CA GLY A 633 -13.59 5.27 -18.99
C GLY A 633 -13.15 6.34 -18.01
N MET A 634 -14.11 6.87 -17.25
CA MET A 634 -13.85 7.90 -16.25
C MET A 634 -14.94 7.80 -15.18
N GLU A 635 -14.89 8.73 -14.23
CA GLU A 635 -15.87 8.77 -13.15
C GLU A 635 -15.42 9.75 -12.07
N PRO A 636 -16.29 10.01 -11.08
CA PRO A 636 -15.97 10.93 -9.98
C PRO A 636 -15.11 10.33 -8.88
N ARG A 637 -14.92 11.11 -7.82
CA ARG A 637 -14.14 10.73 -6.65
C ARG A 637 -13.85 12.02 -5.89
N GLY A 638 -14.91 12.77 -5.59
CA GLY A 638 -14.75 14.04 -4.89
C GLY A 638 -14.49 15.15 -5.90
N ASN A 639 -13.39 15.89 -5.71
CA ASN A 639 -13.04 16.99 -6.61
C ASN A 639 -12.14 16.51 -7.73
N ALA A 640 -11.80 15.23 -7.72
CA ALA A 640 -10.93 14.69 -8.74
C ALA A 640 -11.64 13.69 -9.66
N GLN A 641 -11.02 13.45 -10.81
CA GLN A 641 -11.53 12.51 -11.80
C GLN A 641 -10.62 11.30 -11.86
N VAL A 642 -11.22 10.12 -11.97
CA VAL A 642 -10.48 8.87 -12.05
C VAL A 642 -10.41 8.34 -13.48
N ILE A 643 -9.27 8.55 -14.13
CA ILE A 643 -9.06 8.09 -15.49
C ILE A 643 -8.43 6.70 -15.46
N ARG A 644 -8.88 5.80 -16.32
CA ARG A 644 -8.31 4.47 -16.37
C ARG A 644 -8.17 3.94 -17.80
N ALA A 645 -7.01 3.36 -18.09
CA ALA A 645 -6.73 2.83 -19.42
C ALA A 645 -5.69 1.72 -19.42
N PHE A 646 -5.42 1.19 -20.61
CA PHE A 646 -4.43 0.12 -20.81
C PHE A 646 -3.15 0.72 -21.37
N VAL A 647 -2.09 0.77 -20.57
CA VAL A 647 -0.82 1.31 -21.03
C VAL A 647 0.29 0.25 -20.98
N PRO A 648 1.07 0.12 -22.05
CA PRO A 648 2.16 -0.86 -22.07
C PRO A 648 3.15 -0.53 -20.95
N LEU A 649 3.57 -1.53 -20.19
CA LEU A 649 4.50 -1.30 -19.09
C LEU A 649 5.76 -0.57 -19.50
N ALA A 650 6.18 -0.75 -20.75
CA ALA A 650 7.38 -0.11 -21.27
C ALA A 650 7.25 1.42 -21.34
N GLU A 651 6.04 1.89 -21.61
CA GLU A 651 5.73 3.31 -21.73
C GLU A 651 5.47 3.99 -20.38
N MET A 652 5.32 3.20 -19.32
CA MET A 652 5.04 3.74 -18.00
C MET A 652 6.24 3.98 -17.08
N PHE A 653 7.45 3.69 -17.55
CA PHE A 653 8.63 3.92 -16.72
C PHE A 653 8.80 5.39 -16.35
N GLY A 654 8.83 5.68 -15.06
CA GLY A 654 8.99 7.05 -14.61
C GLY A 654 7.76 7.92 -14.79
N TYR A 655 6.59 7.29 -14.84
CA TYR A 655 5.34 8.00 -15.01
C TYR A 655 5.07 8.92 -13.82
N ALA A 656 5.53 8.53 -12.65
CA ALA A 656 5.31 9.33 -11.44
C ALA A 656 5.95 10.71 -11.58
N THR A 657 7.24 10.74 -11.91
CA THR A 657 7.95 11.99 -12.10
C THR A 657 7.61 12.50 -13.50
N ASP A 658 6.33 12.46 -13.83
CA ASP A 658 5.83 12.90 -15.13
C ASP A 658 4.42 13.41 -14.90
N LEU A 659 3.64 12.61 -14.15
CA LEU A 659 2.27 12.95 -13.82
C LEU A 659 2.28 14.16 -12.89
N ARG A 660 3.39 14.35 -12.18
CA ARG A 660 3.53 15.47 -11.26
C ARG A 660 3.73 16.74 -12.09
N SER A 661 4.71 16.69 -12.97
CA SER A 661 5.02 17.81 -13.84
C SER A 661 3.96 17.95 -14.92
N LYS A 662 2.71 17.65 -14.55
CA LYS A 662 1.58 17.76 -15.45
C LYS A 662 0.30 17.82 -14.62
N THR A 663 0.47 17.97 -13.31
CA THR A 663 -0.66 18.05 -12.38
C THR A 663 -0.21 18.78 -11.11
N GLN A 664 0.99 19.35 -11.15
CA GLN A 664 1.53 20.06 -10.00
C GLN A 664 1.68 19.14 -8.80
N GLY A 665 2.03 17.89 -9.06
CA GLY A 665 2.21 16.92 -7.99
C GLY A 665 0.90 16.45 -7.37
N ARG A 666 -0.20 16.99 -7.87
CA ARG A 666 -1.52 16.63 -7.35
C ARG A 666 -2.05 15.37 -8.03
N GLY A 667 -1.25 14.82 -8.94
CA GLY A 667 -1.64 13.62 -9.65
C GLY A 667 -1.30 12.38 -8.86
N SER A 668 -2.03 11.30 -9.11
CA SER A 668 -1.81 10.04 -8.40
C SER A 668 -2.21 8.84 -9.26
N PHE A 669 -1.49 7.73 -9.15
CA PHE A 669 -1.83 6.55 -9.93
C PHE A 669 -1.43 5.23 -9.29
N VAL A 670 -2.08 4.17 -9.76
CA VAL A 670 -1.85 2.80 -9.31
C VAL A 670 -2.02 1.95 -10.56
N MET A 671 -1.22 0.89 -10.70
CA MET A 671 -1.32 0.04 -11.87
C MET A 671 -1.02 -1.42 -11.53
N PHE A 672 -1.66 -2.32 -12.27
CA PHE A 672 -1.44 -3.73 -12.07
C PHE A 672 -1.55 -4.48 -13.39
N PHE A 673 -0.64 -5.43 -13.60
CA PHE A 673 -0.61 -6.25 -14.81
C PHE A 673 -2.01 -6.66 -15.25
N ASP A 674 -2.22 -6.69 -16.56
CA ASP A 674 -3.52 -7.09 -17.08
C ASP A 674 -3.42 -8.25 -18.06
N HIS A 675 -2.60 -8.10 -19.10
CA HIS A 675 -2.45 -9.17 -20.09
C HIS A 675 -1.23 -8.92 -20.95
N TYR A 676 -0.91 -9.88 -21.81
CA TYR A 676 0.23 -9.75 -22.72
C TYR A 676 -0.36 -9.52 -24.10
N GLN A 677 0.34 -8.73 -24.91
CA GLN A 677 -0.13 -8.44 -26.25
C GLN A 677 1.05 -8.27 -27.18
N GLU A 678 0.86 -8.61 -28.45
CA GLU A 678 1.94 -8.46 -29.42
C GLU A 678 2.23 -6.98 -29.65
N VAL A 679 3.50 -6.63 -29.49
CA VAL A 679 3.97 -5.27 -29.66
C VAL A 679 3.82 -4.89 -31.14
N PRO A 680 3.56 -3.59 -31.43
CA PRO A 680 3.39 -3.12 -32.81
C PRO A 680 4.68 -3.24 -33.61
N LYS A 681 4.57 -3.67 -34.87
CA LYS A 681 5.73 -3.87 -35.73
C LYS A 681 6.79 -2.80 -35.56
N GLN A 682 6.37 -1.55 -35.40
CA GLN A 682 7.31 -0.46 -35.25
C GLN A 682 8.14 -0.71 -33.98
N VAL A 683 7.44 -0.88 -32.86
CA VAL A 683 8.10 -1.11 -31.60
C VAL A 683 8.98 -2.37 -31.58
N GLN A 684 8.56 -3.42 -32.28
CA GLN A 684 9.38 -4.63 -32.31
C GLN A 684 10.70 -4.26 -32.95
N GLU A 685 10.66 -3.88 -34.22
CA GLU A 685 11.85 -3.50 -34.97
C GLU A 685 12.85 -2.76 -34.09
N LYS A 686 12.36 -1.79 -33.32
CA LYS A 686 13.21 -1.00 -32.43
C LYS A 686 13.90 -1.88 -31.38
N LEU A 687 13.11 -2.61 -30.60
CA LEU A 687 13.62 -3.49 -29.55
C LEU A 687 14.74 -4.40 -30.04
N ILE A 688 14.60 -4.90 -31.27
CA ILE A 688 15.61 -5.77 -31.86
C ILE A 688 16.97 -5.07 -31.88
N LYS A 689 16.95 -3.74 -31.72
CA LYS A 689 18.16 -2.94 -31.72
C LYS A 689 18.58 -2.56 -30.31
N UNK B 1 7.84 -0.54 -9.67
CA UNK B 1 8.90 0.49 -9.93
C UNK B 1 9.10 1.38 -8.72
N UNK B 2 8.18 1.29 -7.76
CA UNK B 2 8.26 2.08 -6.52
C UNK B 2 8.75 1.13 -5.44
N UNK B 3 8.23 -0.10 -5.48
CA UNK B 3 8.63 -1.13 -4.53
C UNK B 3 10.08 -1.47 -4.86
N UNK B 4 10.33 -1.76 -6.13
CA UNK B 4 11.67 -2.11 -6.58
C UNK B 4 12.70 -1.10 -6.11
N UNK B 5 12.27 0.13 -5.88
CA UNK B 5 13.19 1.17 -5.43
C UNK B 5 13.23 1.25 -3.89
N UNK B 6 12.18 0.77 -3.24
CA UNK B 6 12.12 0.78 -1.78
C UNK B 6 12.89 -0.41 -1.24
N UNK B 7 12.76 -1.55 -1.92
CA UNK B 7 13.44 -2.79 -1.53
C UNK B 7 14.93 -2.67 -1.85
N UNK B 8 15.24 -1.97 -2.94
CA UNK B 8 16.63 -1.77 -3.34
C UNK B 8 17.23 -0.81 -2.32
N UNK B 9 16.37 -0.18 -1.54
CA UNK B 9 16.81 0.75 -0.50
C UNK B 9 17.18 -0.08 0.73
N UNK B 10 17.60 -1.32 0.49
CA UNK B 10 17.99 -2.24 1.54
C UNK B 10 19.45 -2.63 1.36
N UNK B 11 20.03 -2.23 0.24
CA UNK B 11 21.44 -2.52 -0.07
C UNK B 11 22.38 -1.78 0.87
N UNK B 12 21.86 -0.74 1.52
CA UNK B 12 22.64 0.06 2.45
C UNK B 12 22.26 -0.25 3.89
N UNK B 14 25.89 -2.76 -0.65
CA UNK B 14 26.59 -3.09 -1.93
C UNK B 14 25.86 -4.20 -2.67
N UNK B 15 25.45 -3.92 -3.90
CA UNK B 15 24.73 -4.88 -4.72
C UNK B 15 25.64 -5.72 -5.61
N UNK B 16 25.85 -6.97 -5.20
CA UNK B 16 26.72 -7.89 -5.94
C UNK B 16 25.90 -8.83 -6.84
N UNK B 17 25.52 -8.31 -8.01
CA UNK B 17 24.74 -9.06 -9.00
C UNK B 17 23.23 -9.09 -8.72
N UNK B 18 22.67 -7.91 -8.42
CA UNK B 18 21.23 -7.79 -8.14
C UNK B 18 20.52 -6.98 -9.22
N UNK B 19 19.94 -7.67 -10.20
CA UNK B 19 19.23 -7.00 -11.29
C UNK B 19 17.73 -6.94 -11.01
N UNK B 20 17.09 -5.86 -11.44
CA UNK B 20 15.65 -5.66 -11.22
C UNK B 20 14.84 -6.06 -12.45
N UNK B 21 13.52 -6.17 -12.28
CA UNK B 21 12.63 -6.56 -13.36
C UNK B 21 11.17 -6.51 -12.89
N UNK B 22 10.32 -5.84 -13.66
CA UNK B 22 8.90 -5.71 -13.33
C UNK B 22 7.97 -6.19 -14.46
N UNK B 23 6.70 -6.46 -14.14
CA UNK B 23 5.73 -6.91 -15.13
C UNK B 23 4.29 -6.90 -14.60
N UNK B 26 9.99 -8.47 -8.81
CA UNK B 26 10.91 -9.53 -9.33
C UNK B 26 12.37 -9.07 -9.39
N UNK B 27 13.24 -9.76 -8.64
CA UNK B 27 14.68 -9.45 -8.62
C UNK B 27 15.43 -10.64 -9.22
N UNK B 28 16.76 -10.58 -9.25
CA UNK B 28 17.54 -11.68 -9.85
C UNK B 28 19.00 -11.78 -9.40
N UNK B 29 19.81 -12.45 -10.22
CA UNK B 29 21.23 -12.64 -9.94
C UNK B 29 22.04 -12.72 -11.24
N UNK B 52 -4.05 -11.17 -5.05
CA UNK B 52 -2.68 -11.66 -5.35
C UNK B 52 -1.80 -10.54 -5.92
N UNK B 53 -0.99 -10.86 -6.92
CA UNK B 53 -0.11 -9.91 -7.57
C UNK B 53 0.77 -10.61 -8.61
N UNK B 54 1.36 -9.83 -9.51
CA UNK B 54 2.23 -10.37 -10.55
C UNK B 54 3.24 -9.33 -11.02
N UNK B 55 4.30 -9.77 -11.69
CA UNK B 55 5.35 -8.89 -12.20
C UNK B 55 6.47 -9.72 -12.83
N UNK B 57 8.22 -8.23 6.31
CA UNK B 57 7.30 -9.41 6.33
C UNK B 57 7.93 -10.62 5.65
N UNK B 58 8.43 -10.41 4.43
CA UNK B 58 9.08 -11.46 3.66
C UNK B 58 10.45 -10.98 3.20
N UNK B 59 11.09 -10.17 4.03
CA UNK B 59 12.40 -9.63 3.71
C UNK B 59 13.46 -10.71 3.95
N UNK B 60 13.09 -11.95 3.65
CA UNK B 60 13.99 -13.09 3.82
C UNK B 60 15.04 -13.00 2.72
N UNK B 61 14.75 -12.22 1.69
CA UNK B 61 15.66 -12.04 0.58
C UNK B 61 16.74 -11.05 1.00
N UNK B 62 16.55 -10.45 2.18
CA UNK B 62 17.50 -9.50 2.73
C UNK B 62 18.62 -10.29 3.41
N UNK B 63 18.25 -11.45 3.95
CA UNK B 63 19.21 -12.34 4.60
C UNK B 63 20.11 -12.89 3.50
N UNK B 64 19.48 -13.44 2.46
CA UNK B 64 20.20 -13.98 1.32
C UNK B 64 21.00 -12.86 0.67
N UNK B 65 20.66 -11.63 1.01
CA UNK B 65 21.34 -10.45 0.48
C UNK B 65 22.67 -10.29 1.21
N UNK B 66 22.96 -11.24 2.10
CA UNK B 66 24.21 -11.23 2.85
C UNK B 66 25.28 -11.85 1.97
N UNK B 67 24.84 -12.52 0.90
CA UNK B 67 25.75 -13.15 -0.05
C UNK B 67 26.45 -12.03 -0.82
N UNK B 68 26.22 -10.80 -0.38
CA UNK B 68 26.81 -9.62 -0.99
C UNK B 68 28.12 -9.29 -0.28
N UNK B 69 28.90 -10.31 0.05
CA UNK B 69 30.18 -10.12 0.71
C UNK B 69 31.19 -9.59 -0.31
N UNK B 70 30.68 -8.82 -1.28
CA UNK B 70 31.48 -8.23 -2.35
C UNK B 70 31.88 -9.25 -3.40
N UNK B 71 31.30 -9.13 -4.59
CA UNK B 71 31.59 -10.04 -5.69
C UNK B 71 31.48 -9.33 -7.03
N UNK B 82 6.34 -8.65 2.65
CA UNK B 82 5.63 -8.53 1.33
C UNK B 82 5.87 -9.76 0.47
N UNK B 83 4.81 -10.54 0.26
CA UNK B 83 4.90 -11.72 -0.58
C UNK B 83 4.80 -11.27 -2.04
N UNK B 84 5.05 -9.97 -2.25
CA UNK B 84 4.99 -9.34 -3.56
C UNK B 84 6.26 -9.53 -4.41
N UNK B 85 7.43 -9.54 -3.75
CA UNK B 85 8.70 -9.72 -4.44
C UNK B 85 8.74 -11.09 -5.14
N UNK B 86 9.93 -11.50 -5.60
CA UNK B 86 10.10 -12.78 -6.28
C UNK B 86 11.54 -12.91 -6.78
N UNK B 87 12.40 -13.53 -5.98
CA UNK B 87 13.80 -13.70 -6.36
C UNK B 87 14.00 -14.69 -7.50
N UNK B 88 15.11 -14.54 -8.22
CA UNK B 88 15.45 -15.40 -9.35
C UNK B 88 15.40 -16.87 -8.97
PB GDP C . 7.74 14.50 8.89
O1B GDP C . 8.83 14.49 7.85
O2B GDP C . 6.29 14.54 8.52
O3B GDP C . 7.82 13.31 9.81
O3A GDP C . 8.12 15.66 9.75
PA GDP C . 9.15 15.84 10.85
O1A GDP C . 8.47 15.74 12.20
O2A GDP C . 10.28 14.89 10.56
O5' GDP C . 9.74 17.25 10.82
C5' GDP C . 10.23 17.85 9.61
C4' GDP C . 10.93 19.15 9.91
O4' GDP C . 9.92 20.07 10.35
C3' GDP C . 11.98 19.11 11.04
O3' GDP C . 13.07 19.90 10.69
C2' GDP C . 11.27 19.68 12.27
O2' GDP C . 12.23 20.04 13.26
C1' GDP C . 10.29 20.69 11.61
N9 GDP C . 9.01 21.03 12.30
C8 GDP C . 8.07 20.11 12.73
N7 GDP C . 7.11 20.59 13.47
C5 GDP C . 7.39 21.96 13.52
C6 GDP C . 6.71 23.15 14.22
O6 GDP C . 5.67 23.10 14.90
N1 GDP C . 7.40 24.37 14.12
C2 GDP C . 8.54 24.60 13.34
N2 GDP C . 9.09 25.83 13.35
N3 GDP C . 9.07 23.58 12.56
C4 GDP C . 8.53 22.23 12.78
#